data_3DP1
#
_entry.id   3DP1
#
_cell.length_a   73.853
_cell.length_b   100.210
_cell.length_c   186.112
_cell.angle_alpha   90.000
_cell.angle_beta   90.000
_cell.angle_gamma   90.000
#
_symmetry.space_group_name_H-M   'P 21 21 21'
#
loop_
_entity.id
_entity.type
_entity.pdbx_description
1 polymer '(3R)-hydroxymyristoyl-acyl carrier protein dehydratase'
2 non-polymer 'CHLORIDE ION'
3 non-polymer BENZAMIDINE
4 non-polymer "N'-[(1E)-(3,5-dibromo-2,4-dihydroxyphenyl)methylidene]-4-methoxybenzohydrazide"
5 water water
#
_entity_poly.entity_id   1
_entity_poly.type   'polypeptide(L)'
_entity_poly.pdbx_seq_one_letter_code
;MEQSHQNLQSQFFIEHILQILPHRYPMLLVDRITELQANQKIVAYKNITFNEDVFNGHFPNKPIFPGVLIVEGMAQSGGF
LAFTSLWGFDPEIAKTKIVYFMTIDKVKFRIPVTPGDRLEYHLEVLKHKGMIWQVGGTAQVDGKVVAEAELKAMIAERE
;
_entity_poly.pdbx_strand_id   A,B,C,D,E,F
#
# COMPACT_ATOMS: atom_id res chain seq x y z
N GLN A 9 31.80 -15.43 6.00
CA GLN A 9 30.59 -14.97 6.74
C GLN A 9 30.73 -13.51 7.18
N SER A 10 31.20 -12.68 6.25
CA SER A 10 31.37 -11.25 6.50
C SER A 10 30.43 -10.44 5.59
N GLN A 11 30.03 -11.04 4.48
CA GLN A 11 29.12 -10.36 3.56
C GLN A 11 27.82 -11.16 3.43
N PHE A 12 26.70 -10.46 3.52
CA PHE A 12 25.39 -11.10 3.43
C PHE A 12 24.46 -10.27 2.56
N PHE A 13 23.66 -10.94 1.75
CA PHE A 13 22.72 -10.25 0.89
C PHE A 13 21.31 -10.42 1.43
N ILE A 14 20.36 -9.70 0.83
CA ILE A 14 18.99 -9.73 1.30
C ILE A 14 18.42 -11.12 1.57
N GLU A 15 18.81 -12.11 0.78
CA GLU A 15 18.29 -13.45 1.01
C GLU A 15 18.74 -13.99 2.37
N HIS A 16 19.95 -13.64 2.79
CA HIS A 16 20.47 -14.10 4.07
C HIS A 16 19.85 -13.32 5.21
N ILE A 17 19.68 -12.02 5.00
CA ILE A 17 19.08 -11.15 6.00
C ILE A 17 17.65 -11.60 6.31
N LEU A 18 16.94 -12.05 5.28
CA LEU A 18 15.55 -12.50 5.43
C LEU A 18 15.47 -13.75 6.29
N GLN A 19 16.53 -14.53 6.31
CA GLN A 19 16.57 -15.75 7.09
C GLN A 19 16.92 -15.51 8.56
N ILE A 20 17.52 -14.36 8.85
CA ILE A 20 17.90 -14.06 10.21
C ILE A 20 16.93 -13.11 10.90
N LEU A 21 16.59 -11.99 10.25
CA LEU A 21 15.68 -11.04 10.85
C LEU A 21 14.22 -11.41 10.60
N PRO A 22 13.37 -11.19 11.59
CA PRO A 22 11.94 -11.51 11.45
C PRO A 22 11.19 -10.39 10.72
N HIS A 23 11.81 -9.21 10.66
CA HIS A 23 11.21 -8.06 9.99
C HIS A 23 10.86 -8.32 8.53
N ARG A 24 9.72 -7.78 8.11
CA ARG A 24 9.27 -7.90 6.74
C ARG A 24 8.75 -6.53 6.30
N TYR A 25 8.30 -6.43 5.06
CA TYR A 25 7.79 -5.18 4.51
C TYR A 25 6.58 -4.70 5.30
N PRO A 26 6.51 -3.39 5.60
CA PRO A 26 7.46 -2.33 5.25
C PRO A 26 8.37 -1.92 6.42
N MET A 27 8.90 -2.91 7.14
CA MET A 27 9.77 -2.60 8.28
C MET A 27 11.13 -3.31 8.26
N LEU A 28 11.48 -3.93 7.13
CA LEU A 28 12.78 -4.56 7.01
C LEU A 28 13.59 -3.46 6.35
N LEU A 29 14.46 -2.83 7.14
CA LEU A 29 15.21 -1.70 6.66
C LEU A 29 16.72 -1.88 6.49
N VAL A 30 17.13 -3.09 6.14
CA VAL A 30 18.54 -3.40 5.90
C VAL A 30 18.56 -4.21 4.60
N ASP A 31 19.29 -3.74 3.59
CA ASP A 31 19.34 -4.44 2.31
C ASP A 31 20.55 -5.34 2.10
N ARG A 32 21.68 -4.98 2.70
CA ARG A 32 22.89 -5.76 2.51
C ARG A 32 23.88 -5.51 3.65
N ILE A 33 24.76 -6.46 3.87
CA ILE A 33 25.76 -6.37 4.93
C ILE A 33 27.14 -6.54 4.29
N THR A 34 27.95 -5.49 4.37
CA THR A 34 29.27 -5.51 3.75
C THR A 34 30.43 -5.96 4.63
N GLU A 35 30.33 -5.70 5.93
CA GLU A 35 31.37 -6.10 6.88
C GLU A 35 30.72 -6.65 8.12
N LEU A 36 31.30 -7.70 8.68
CA LEU A 36 30.78 -8.25 9.91
C LEU A 36 31.86 -9.00 10.66
N GLN A 37 32.07 -8.59 11.91
CA GLN A 37 33.05 -9.20 12.79
C GLN A 37 32.33 -9.56 14.09
N ALA A 38 32.22 -10.86 14.35
CA ALA A 38 31.55 -11.36 15.54
C ALA A 38 31.94 -10.62 16.82
N ASN A 39 30.92 -10.28 17.62
CA ASN A 39 31.10 -9.58 18.89
C ASN A 39 31.77 -8.22 18.81
N GLN A 40 32.12 -7.79 17.61
CA GLN A 40 32.78 -6.49 17.50
C GLN A 40 32.02 -5.46 16.70
N LYS A 41 31.64 -5.79 15.48
CA LYS A 41 30.94 -4.81 14.68
C LYS A 41 30.31 -5.31 13.40
N ILE A 42 29.55 -4.41 12.79
CA ILE A 42 28.86 -4.68 11.54
C ILE A 42 28.73 -3.42 10.70
N VAL A 43 28.79 -3.60 9.39
CA VAL A 43 28.64 -2.51 8.46
C VAL A 43 27.61 -3.00 7.45
N ALA A 44 26.51 -2.27 7.35
CA ALA A 44 25.44 -2.63 6.45
C ALA A 44 24.79 -1.38 5.88
N TYR A 45 23.90 -1.55 4.92
CA TYR A 45 23.24 -0.40 4.36
C TYR A 45 21.86 -0.69 3.82
N LYS A 46 21.11 0.38 3.61
CA LYS A 46 19.78 0.31 3.06
C LYS A 46 19.74 1.38 1.98
N ASN A 47 19.37 1.00 0.77
CA ASN A 47 19.25 1.96 -0.32
C ASN A 47 17.98 2.74 -0.05
N ILE A 48 18.01 4.04 -0.32
CA ILE A 48 16.84 4.87 -0.15
C ILE A 48 16.38 5.30 -1.54
N THR A 49 15.13 4.98 -1.87
CA THR A 49 14.55 5.30 -3.17
C THR A 49 13.23 6.03 -2.99
N PHE A 50 12.82 6.80 -3.99
CA PHE A 50 11.57 7.53 -3.89
C PHE A 50 10.42 6.54 -3.86
N ASN A 51 10.65 5.37 -4.47
CA ASN A 51 9.65 4.32 -4.56
C ASN A 51 9.33 3.60 -3.24
N GLU A 52 9.26 4.35 -2.15
CA GLU A 52 8.95 3.77 -0.85
C GLU A 52 7.72 4.48 -0.27
N ASP A 53 6.76 3.70 0.21
CA ASP A 53 5.53 4.25 0.74
C ASP A 53 5.70 5.33 1.81
N VAL A 54 6.76 5.27 2.63
CA VAL A 54 6.92 6.28 3.66
C VAL A 54 6.97 7.70 3.10
N PHE A 55 7.57 7.86 1.92
CA PHE A 55 7.69 9.18 1.34
C PHE A 55 6.37 9.83 0.90
N ASN A 56 5.30 9.06 0.83
CA ASN A 56 4.02 9.64 0.47
C ASN A 56 3.61 10.62 1.58
N GLY A 57 3.99 10.30 2.81
CA GLY A 57 3.63 11.16 3.92
C GLY A 57 4.75 11.84 4.68
N HIS A 58 5.99 11.71 4.22
CA HIS A 58 7.10 12.31 4.93
C HIS A 58 8.21 12.83 4.01
N PHE A 59 7.97 13.93 3.30
CA PHE A 59 6.71 14.69 3.33
C PHE A 59 6.26 14.96 1.90
N PRO A 60 4.99 15.36 1.72
CA PRO A 60 4.51 15.65 0.36
C PRO A 60 5.36 16.75 -0.26
N ASN A 61 5.91 16.49 -1.44
CA ASN A 61 6.76 17.44 -2.18
C ASN A 61 8.18 17.55 -1.60
N LYS A 62 8.42 16.92 -0.47
CA LYS A 62 9.73 16.99 0.16
C LYS A 62 10.12 15.65 0.79
N PRO A 63 10.62 14.71 -0.02
CA PRO A 63 11.02 13.38 0.43
C PRO A 63 12.15 13.37 1.47
N ILE A 64 11.84 13.01 2.71
CA ILE A 64 12.86 12.93 3.77
C ILE A 64 12.70 11.60 4.51
N PHE A 65 13.76 10.79 4.54
CA PHE A 65 13.69 9.51 5.23
C PHE A 65 13.64 9.77 6.74
N PRO A 66 12.57 9.32 7.41
CA PRO A 66 12.39 9.51 8.86
C PRO A 66 13.59 9.13 9.73
N GLY A 67 14.03 10.08 10.54
CA GLY A 67 15.14 9.85 11.44
C GLY A 67 14.95 8.63 12.33
N VAL A 68 13.73 8.41 12.81
CA VAL A 68 13.48 7.25 13.66
C VAL A 68 13.66 5.95 12.88
N LEU A 69 13.40 6.00 11.57
CA LEU A 69 13.59 4.81 10.76
C LEU A 69 15.09 4.59 10.54
N ILE A 70 15.87 5.67 10.61
CA ILE A 70 17.31 5.55 10.47
C ILE A 70 17.80 4.78 11.70
N VAL A 71 17.23 5.12 12.85
CA VAL A 71 17.61 4.46 14.09
C VAL A 71 17.20 3.00 14.03
N GLU A 72 15.99 2.75 13.53
CA GLU A 72 15.44 1.42 13.40
C GLU A 72 16.38 0.55 12.55
N GLY A 73 16.95 1.15 11.51
CA GLY A 73 17.86 0.44 10.63
C GLY A 73 19.16 0.07 11.34
N MET A 74 19.64 0.99 12.18
CA MET A 74 20.87 0.72 12.92
C MET A 74 20.62 -0.43 13.90
N ALA A 75 19.46 -0.40 14.55
CA ALA A 75 19.09 -1.43 15.51
C ALA A 75 19.00 -2.81 14.86
N GLN A 76 18.36 -2.88 13.70
CA GLN A 76 18.23 -4.15 12.99
C GLN A 76 19.61 -4.68 12.66
N SER A 77 20.51 -3.79 12.23
CA SER A 77 21.88 -4.18 11.93
C SER A 77 22.51 -4.73 13.20
N GLY A 78 22.34 -4.00 14.29
CA GLY A 78 22.87 -4.45 15.57
C GLY A 78 22.31 -5.80 15.96
N GLY A 79 21.01 -5.99 15.76
CA GLY A 79 20.38 -7.25 16.10
C GLY A 79 20.91 -8.43 15.31
N PHE A 80 21.20 -8.20 14.03
CA PHE A 80 21.74 -9.25 13.16
C PHE A 80 23.11 -9.62 13.72
N LEU A 81 23.87 -8.60 14.09
CA LEU A 81 25.20 -8.78 14.63
C LEU A 81 25.14 -9.59 15.92
N ALA A 82 24.27 -9.18 16.83
CA ALA A 82 24.12 -9.86 18.11
C ALA A 82 23.81 -11.34 17.89
N PHE A 83 22.79 -11.61 17.09
CA PHE A 83 22.39 -12.98 16.83
C PHE A 83 23.47 -13.84 16.21
N THR A 84 24.07 -13.36 15.12
CA THR A 84 25.09 -14.14 14.45
C THR A 84 26.35 -14.29 15.29
N SER A 85 26.63 -13.32 16.15
CA SER A 85 27.81 -13.41 17.02
C SER A 85 27.63 -14.61 17.94
N LEU A 86 26.39 -14.88 18.31
CA LEU A 86 26.07 -15.95 19.23
C LEU A 86 25.79 -17.32 18.61
N TRP A 87 25.12 -17.33 17.46
CA TRP A 87 24.76 -18.59 16.83
C TRP A 87 25.27 -18.75 15.41
N GLY A 88 25.93 -17.72 14.89
CA GLY A 88 26.41 -17.81 13.53
C GLY A 88 25.19 -17.74 12.62
N PHE A 89 25.37 -18.08 11.35
CA PHE A 89 24.26 -18.05 10.42
C PHE A 89 23.40 -19.28 10.61
N ASP A 90 22.46 -19.20 11.55
CA ASP A 90 21.57 -20.30 11.85
C ASP A 90 20.11 -19.87 11.70
N PRO A 91 19.53 -20.09 10.51
CA PRO A 91 18.13 -19.72 10.24
C PRO A 91 17.11 -20.43 11.13
N GLU A 92 17.33 -21.70 11.42
CA GLU A 92 16.38 -22.44 12.23
C GLU A 92 16.25 -21.85 13.63
N ILE A 93 17.36 -21.47 14.25
CA ILE A 93 17.29 -20.88 15.58
C ILE A 93 16.81 -19.41 15.50
N ALA A 94 17.15 -18.74 14.40
CA ALA A 94 16.75 -17.34 14.21
C ALA A 94 15.24 -17.18 14.31
N LYS A 95 14.49 -18.12 13.75
CA LYS A 95 13.04 -17.99 13.82
C LYS A 95 12.42 -18.28 15.18
N THR A 96 13.23 -18.58 16.19
CA THR A 96 12.71 -18.85 17.53
C THR A 96 13.13 -17.68 18.45
N LYS A 97 13.98 -16.81 17.92
CA LYS A 97 14.46 -15.66 18.68
C LYS A 97 13.99 -14.38 18.03
N ILE A 98 13.98 -13.31 18.82
CA ILE A 98 13.59 -12.00 18.34
C ILE A 98 14.33 -10.98 19.19
N VAL A 99 14.69 -9.85 18.60
CA VAL A 99 15.41 -8.81 19.33
C VAL A 99 14.45 -7.65 19.60
N TYR A 100 14.59 -7.03 20.77
CA TYR A 100 13.75 -5.89 21.14
C TYR A 100 14.65 -4.78 21.65
N PHE A 101 14.25 -3.52 21.42
CA PHE A 101 15.03 -2.41 21.95
C PHE A 101 14.65 -2.35 23.42
N MET A 102 15.61 -2.02 24.26
CA MET A 102 15.32 -1.84 25.67
C MET A 102 15.43 -0.32 25.85
N THR A 103 16.51 0.25 25.32
CA THR A 103 16.75 1.68 25.41
C THR A 103 17.43 2.23 24.16
N ILE A 104 17.40 3.56 24.04
CA ILE A 104 18.03 4.28 22.93
C ILE A 104 18.53 5.59 23.53
N ASP A 105 19.81 5.90 23.32
CA ASP A 105 20.39 7.11 23.87
C ASP A 105 21.32 7.83 22.90
N LYS A 106 21.51 9.11 23.16
CA LYS A 106 22.40 9.94 22.37
C LYS A 106 22.17 9.88 20.86
N VAL A 107 20.93 10.12 20.45
CA VAL A 107 20.61 10.12 19.04
C VAL A 107 20.79 11.54 18.54
N LYS A 108 21.50 11.66 17.44
CA LYS A 108 21.75 12.95 16.82
C LYS A 108 21.53 12.82 15.32
N PHE A 109 20.69 13.69 14.77
CA PHE A 109 20.42 13.71 13.34
C PHE A 109 21.17 14.92 12.79
N ARG A 110 22.20 14.67 11.98
CA ARG A 110 23.01 15.76 11.44
C ARG A 110 22.66 16.22 10.05
N ILE A 111 22.32 15.27 9.18
CA ILE A 111 22.00 15.59 7.80
C ILE A 111 20.77 14.80 7.34
N PRO A 112 19.86 15.45 6.60
CA PRO A 112 18.68 14.72 6.14
C PRO A 112 19.02 13.65 5.10
N VAL A 113 18.28 12.56 5.13
CA VAL A 113 18.48 11.45 4.20
C VAL A 113 17.36 11.53 3.16
N THR A 114 17.73 11.40 1.89
CA THR A 114 16.74 11.51 0.81
C THR A 114 16.92 10.45 -0.29
N PRO A 115 15.91 10.29 -1.16
CA PRO A 115 15.99 9.32 -2.24
C PRO A 115 17.30 9.48 -3.01
N GLY A 116 17.93 8.36 -3.33
CA GLY A 116 19.20 8.39 -4.04
C GLY A 116 20.35 8.11 -3.11
N ASP A 117 20.12 8.29 -1.80
CA ASP A 117 21.15 8.05 -0.80
C ASP A 117 21.28 6.56 -0.47
N ARG A 118 22.51 6.15 -0.15
CA ARG A 118 22.79 4.78 0.28
C ARG A 118 23.05 4.96 1.77
N LEU A 119 22.06 4.60 2.59
CA LEU A 119 22.16 4.73 4.04
C LEU A 119 22.97 3.60 4.64
N GLU A 120 24.22 3.90 4.97
CA GLU A 120 25.16 2.93 5.51
C GLU A 120 25.24 2.93 7.04
N TYR A 121 24.90 1.79 7.63
CA TYR A 121 24.92 1.62 9.08
C TYR A 121 26.26 1.09 9.56
N HIS A 122 26.82 1.74 10.58
CA HIS A 122 28.09 1.34 11.19
C HIS A 122 27.83 1.17 12.66
N LEU A 123 27.71 -0.07 13.12
CA LEU A 123 27.47 -0.34 14.52
C LEU A 123 28.66 -1.09 15.14
N GLU A 124 29.03 -0.69 16.36
CA GLU A 124 30.12 -1.29 17.11
C GLU A 124 29.53 -1.87 18.40
N VAL A 125 30.08 -2.98 18.88
CA VAL A 125 29.62 -3.61 20.12
C VAL A 125 30.29 -2.94 21.33
N LEU A 126 29.51 -2.27 22.17
CA LEU A 126 30.06 -1.59 23.33
C LEU A 126 30.06 -2.48 24.56
N LYS A 127 29.13 -3.42 24.63
CA LYS A 127 29.03 -4.29 25.79
C LYS A 127 28.02 -5.41 25.52
N HIS A 128 28.40 -6.64 25.84
CA HIS A 128 27.47 -7.75 25.62
C HIS A 128 27.67 -8.85 26.65
N LYS A 129 26.57 -9.28 27.25
CA LYS A 129 26.57 -10.35 28.23
C LYS A 129 25.32 -11.17 27.95
N GLY A 130 25.51 -12.37 27.44
CA GLY A 130 24.38 -13.22 27.14
C GLY A 130 23.51 -12.64 26.06
N MET A 131 22.22 -12.53 26.36
CA MET A 131 21.24 -12.03 25.41
C MET A 131 21.15 -10.51 25.39
N ILE A 132 21.88 -9.87 26.30
CA ILE A 132 21.86 -8.40 26.39
C ILE A 132 23.01 -7.79 25.60
N TRP A 133 22.67 -7.02 24.58
CA TRP A 133 23.67 -6.39 23.73
C TRP A 133 23.57 -4.87 23.66
N GLN A 134 24.69 -4.21 23.88
CA GLN A 134 24.76 -2.76 23.83
C GLN A 134 25.60 -2.40 22.63
N VAL A 135 25.01 -1.66 21.70
CA VAL A 135 25.74 -1.27 20.49
C VAL A 135 25.59 0.22 20.26
N GLY A 136 26.53 0.77 19.50
CA GLY A 136 26.50 2.19 19.23
C GLY A 136 27.19 2.42 17.91
N GLY A 137 26.87 3.54 17.27
CA GLY A 137 27.49 3.80 16.00
C GLY A 137 26.88 4.96 15.26
N THR A 138 26.97 4.90 13.93
CA THR A 138 26.47 5.96 13.10
C THR A 138 25.81 5.44 11.83
N ALA A 139 25.10 6.34 11.16
CA ALA A 139 24.47 6.05 9.89
C ALA A 139 25.21 7.01 8.97
N GLN A 140 25.72 6.51 7.86
CA GLN A 140 26.48 7.37 6.97
C GLN A 140 26.01 7.39 5.52
N VAL A 141 26.28 8.50 4.86
CA VAL A 141 25.94 8.69 3.47
C VAL A 141 27.17 9.32 2.81
N ASP A 142 27.71 8.65 1.80
CA ASP A 142 28.88 9.13 1.09
C ASP A 142 29.99 9.55 2.07
N GLY A 143 30.24 8.70 3.04
CA GLY A 143 31.28 8.96 4.02
C GLY A 143 30.99 9.95 5.14
N LYS A 144 29.85 10.63 5.10
CA LYS A 144 29.52 11.61 6.15
C LYS A 144 28.47 11.10 7.14
N VAL A 145 28.70 11.40 8.42
CA VAL A 145 27.78 10.98 9.46
C VAL A 145 26.48 11.78 9.34
N VAL A 146 25.36 11.08 9.13
CA VAL A 146 24.08 11.76 9.01
C VAL A 146 23.29 11.57 10.30
N ALA A 147 23.72 10.60 11.10
CA ALA A 147 23.07 10.32 12.37
C ALA A 147 23.95 9.42 13.25
N GLU A 148 23.69 9.46 14.56
CA GLU A 148 24.42 8.64 15.52
C GLU A 148 23.46 8.21 16.62
N ALA A 149 23.78 7.08 17.26
CA ALA A 149 22.93 6.57 18.33
C ALA A 149 23.55 5.39 19.06
N GLU A 150 23.02 5.12 20.24
CA GLU A 150 23.43 3.99 21.05
C GLU A 150 22.13 3.34 21.47
N LEU A 151 22.16 2.03 21.65
CA LEU A 151 20.98 1.31 22.07
C LEU A 151 21.36 -0.01 22.70
N LYS A 152 20.50 -0.47 23.58
CA LYS A 152 20.68 -1.74 24.26
C LYS A 152 19.53 -2.59 23.78
N ALA A 153 19.84 -3.78 23.29
CA ALA A 153 18.81 -4.67 22.79
C ALA A 153 18.76 -5.96 23.58
N MET A 154 17.64 -6.65 23.46
CA MET A 154 17.44 -7.91 24.16
C MET A 154 17.07 -9.00 23.15
N ILE A 155 17.78 -10.13 23.21
CA ILE A 155 17.47 -11.24 22.33
C ILE A 155 16.54 -12.11 23.15
N ALA A 156 15.25 -12.04 22.84
CA ALA A 156 14.25 -12.79 23.56
C ALA A 156 13.67 -13.95 22.77
N GLU A 157 12.83 -14.73 23.43
CA GLU A 157 12.16 -15.84 22.81
C GLU A 157 11.00 -15.27 21.99
N ARG A 158 10.65 -15.91 20.89
CA ARG A 158 9.56 -15.44 20.07
C ARG A 158 8.24 -15.84 20.73
N GLU A 159 8.24 -16.99 21.42
CA GLU A 159 7.04 -17.47 22.10
C GLU A 159 7.31 -17.83 23.55
N SER B 10 -8.73 23.50 23.42
CA SER B 10 -7.69 22.62 24.07
C SER B 10 -7.78 21.18 23.56
N GLN B 11 -8.84 20.87 22.80
CA GLN B 11 -9.00 19.54 22.21
C GLN B 11 -8.96 19.70 20.69
N PHE B 12 -8.00 19.05 20.04
CA PHE B 12 -7.88 19.15 18.60
C PHE B 12 -8.16 17.80 17.96
N PHE B 13 -8.87 17.79 16.85
CA PHE B 13 -9.17 16.54 16.17
C PHE B 13 -8.32 16.39 14.91
N ILE B 14 -8.36 15.21 14.30
CA ILE B 14 -7.54 14.94 13.13
C ILE B 14 -7.54 16.07 12.09
N GLU B 15 -8.71 16.66 11.84
CA GLU B 15 -8.85 17.75 10.89
C GLU B 15 -7.92 18.90 11.25
N HIS B 16 -7.89 19.24 12.54
CA HIS B 16 -7.03 20.33 13.03
C HIS B 16 -5.57 19.94 12.90
N ILE B 17 -5.24 18.74 13.33
CA ILE B 17 -3.87 18.26 13.27
C ILE B 17 -3.34 18.33 11.84
N LEU B 18 -4.15 17.91 10.88
CA LEU B 18 -3.75 17.94 9.47
C LEU B 18 -3.37 19.35 9.01
N GLN B 19 -3.91 20.37 9.69
CA GLN B 19 -3.62 21.75 9.33
C GLN B 19 -2.36 22.32 9.99
N ILE B 20 -1.83 21.63 10.99
CA ILE B 20 -0.63 22.11 11.65
C ILE B 20 0.60 21.29 11.27
N LEU B 21 0.46 19.97 11.29
CA LEU B 21 1.56 19.08 10.94
C LEU B 21 1.64 18.79 9.44
N PRO B 22 2.86 18.77 8.88
CA PRO B 22 3.06 18.50 7.45
C PRO B 22 2.98 17.01 7.15
N HIS B 23 3.08 16.19 8.20
CA HIS B 23 3.03 14.74 8.05
C HIS B 23 1.72 14.24 7.46
N ARG B 24 1.83 13.24 6.59
CA ARG B 24 0.67 12.64 5.97
C ARG B 24 0.83 11.12 6.03
N TYR B 25 -0.17 10.39 5.56
CA TYR B 25 -0.12 8.94 5.55
C TYR B 25 1.11 8.48 4.76
N PRO B 26 1.84 7.46 5.26
CA PRO B 26 1.56 6.73 6.50
C PRO B 26 2.51 7.14 7.62
N MET B 27 2.73 8.44 7.77
CA MET B 27 3.62 8.93 8.81
C MET B 27 3.03 9.98 9.76
N LEU B 28 1.71 10.18 9.71
CA LEU B 28 1.05 11.11 10.64
C LEU B 28 0.60 10.20 11.77
N LEU B 29 1.35 10.21 12.86
CA LEU B 29 1.08 9.32 13.98
C LEU B 29 0.40 9.87 15.23
N VAL B 30 -0.44 10.88 15.04
CA VAL B 30 -1.21 11.45 16.15
C VAL B 30 -2.62 11.60 15.66
N ASP B 31 -3.58 10.98 16.34
CA ASP B 31 -4.97 11.06 15.91
C ASP B 31 -5.80 12.16 16.56
N ARG B 32 -5.49 12.49 17.80
CA ARG B 32 -6.27 13.49 18.50
C ARG B 32 -5.50 14.05 19.69
N ILE B 33 -5.76 15.32 19.99
CA ILE B 33 -5.11 16.02 21.10
C ILE B 33 -6.16 16.29 22.19
N THR B 34 -5.96 15.72 23.37
CA THR B 34 -6.89 15.86 24.48
C THR B 34 -6.66 17.08 25.35
N GLU B 35 -5.41 17.51 25.48
CA GLU B 35 -5.16 18.72 26.25
C GLU B 35 -3.84 19.37 25.85
N LEU B 36 -3.77 20.67 26.09
CA LEU B 36 -2.58 21.43 25.74
C LEU B 36 -2.48 22.75 26.50
N GLN B 37 -1.35 22.95 27.18
CA GLN B 37 -1.08 24.17 27.94
C GLN B 37 0.16 24.76 27.30
N ALA B 38 0.01 25.93 26.67
CA ALA B 38 1.11 26.60 26.01
C ALA B 38 2.36 26.69 26.88
N ASN B 39 3.51 26.37 26.28
CA ASN B 39 4.81 26.39 26.94
C ASN B 39 4.97 25.38 28.08
N GLN B 40 3.95 24.56 28.30
CA GLN B 40 4.00 23.60 29.39
C GLN B 40 3.81 22.13 29.00
N LYS B 41 2.64 21.77 28.51
CA LYS B 41 2.46 20.38 28.16
C LYS B 41 1.33 20.04 27.20
N ILE B 42 1.35 18.80 26.75
CA ILE B 42 0.35 18.29 25.84
C ILE B 42 0.09 16.83 26.13
N VAL B 43 -1.15 16.42 25.94
CA VAL B 43 -1.54 15.04 26.09
C VAL B 43 -2.26 14.77 24.77
N ALA B 44 -1.83 13.74 24.06
CA ALA B 44 -2.44 13.42 22.79
C ALA B 44 -2.38 11.90 22.65
N TYR B 45 -3.02 11.37 21.61
CA TYR B 45 -2.99 9.94 21.42
C TYR B 45 -3.22 9.50 19.98
N LYS B 46 -2.87 8.23 19.74
CA LYS B 46 -3.02 7.60 18.44
C LYS B 46 -3.61 6.22 18.72
N ASN B 47 -4.65 5.85 17.99
CA ASN B 47 -5.22 4.54 18.19
C ASN B 47 -4.38 3.54 17.41
N ILE B 48 -4.18 2.36 17.99
CA ILE B 48 -3.42 1.32 17.34
C ILE B 48 -4.42 0.25 16.91
N THR B 49 -4.42 -0.06 15.63
CA THR B 49 -5.33 -1.03 15.06
C THR B 49 -4.59 -2.00 14.15
N PHE B 50 -5.08 -3.23 14.03
CA PHE B 50 -4.42 -4.20 13.17
C PHE B 50 -4.43 -3.71 11.72
N ASN B 51 -5.43 -2.91 11.37
CA ASN B 51 -5.59 -2.39 10.01
C ASN B 51 -4.55 -1.36 9.59
N GLU B 52 -3.32 -1.53 10.05
CA GLU B 52 -2.25 -0.62 9.70
C GLU B 52 -1.16 -1.36 8.93
N ASP B 53 -0.74 -0.78 7.81
CA ASP B 53 0.26 -1.39 6.94
C ASP B 53 1.52 -1.86 7.68
N VAL B 54 1.97 -1.08 8.66
CA VAL B 54 3.15 -1.43 9.43
C VAL B 54 3.12 -2.85 10.00
N PHE B 55 1.95 -3.33 10.40
CA PHE B 55 1.84 -4.66 10.99
C PHE B 55 2.11 -5.81 10.04
N ASN B 56 2.15 -5.53 8.74
CA ASN B 56 2.45 -6.57 7.78
C ASN B 56 3.86 -7.08 8.00
N GLY B 57 4.75 -6.20 8.46
CA GLY B 57 6.13 -6.62 8.65
C GLY B 57 6.71 -6.49 10.04
N HIS B 58 5.89 -6.14 11.01
CA HIS B 58 6.38 -5.95 12.37
C HIS B 58 5.37 -6.42 13.44
N PHE B 59 5.16 -7.72 13.57
CA PHE B 59 5.84 -8.73 12.76
C PHE B 59 4.78 -9.70 12.23
N PRO B 60 5.13 -10.48 11.19
CA PRO B 60 4.14 -11.43 10.66
C PRO B 60 3.70 -12.37 11.79
N ASN B 61 2.40 -12.53 11.98
CA ASN B 61 1.86 -13.43 13.02
C ASN B 61 2.05 -12.88 14.46
N LYS B 62 2.61 -11.68 14.60
CA LYS B 62 2.77 -11.08 15.93
C LYS B 62 2.91 -9.57 15.78
N PRO B 63 1.77 -8.87 15.69
CA PRO B 63 1.73 -7.41 15.54
C PRO B 63 2.16 -6.58 16.74
N ILE B 64 3.29 -5.90 16.59
CA ILE B 64 3.81 -5.04 17.63
C ILE B 64 4.13 -3.68 17.04
N PHE B 65 3.50 -2.64 17.55
CA PHE B 65 3.73 -1.30 17.05
C PHE B 65 5.21 -0.95 17.28
N PRO B 66 5.92 -0.58 16.22
CA PRO B 66 7.35 -0.24 16.36
C PRO B 66 7.65 0.78 17.46
N GLY B 67 8.69 0.50 18.25
CA GLY B 67 9.09 1.40 19.31
C GLY B 67 9.55 2.75 18.77
N VAL B 68 10.23 2.74 17.62
CA VAL B 68 10.70 3.98 17.03
C VAL B 68 9.52 4.83 16.58
N LEU B 69 8.41 4.18 16.26
CA LEU B 69 7.23 4.93 15.83
C LEU B 69 6.51 5.49 17.05
N ILE B 70 6.72 4.88 18.21
CA ILE B 70 6.12 5.39 19.44
C ILE B 70 6.82 6.71 19.73
N VAL B 71 8.14 6.71 19.54
CA VAL B 71 8.98 7.89 19.73
C VAL B 71 8.63 8.95 18.69
N GLU B 72 8.36 8.52 17.47
CA GLU B 72 8.01 9.45 16.39
C GLU B 72 6.68 10.14 16.75
N GLY B 73 5.79 9.40 17.39
CA GLY B 73 4.50 9.94 17.79
C GLY B 73 4.65 10.97 18.90
N MET B 74 5.60 10.75 19.80
CA MET B 74 5.84 11.68 20.89
C MET B 74 6.43 12.95 20.30
N ALA B 75 7.31 12.78 19.32
CA ALA B 75 7.96 13.89 18.65
C ALA B 75 6.92 14.78 17.97
N GLN B 76 6.04 14.16 17.19
CA GLN B 76 5.00 14.90 16.50
C GLN B 76 4.14 15.65 17.52
N SER B 77 3.82 15.02 18.65
CA SER B 77 3.03 15.68 19.69
C SER B 77 3.82 16.86 20.25
N GLY B 78 5.11 16.63 20.51
CA GLY B 78 5.97 17.66 21.04
C GLY B 78 6.11 18.83 20.10
N GLY B 79 6.18 18.53 18.81
CA GLY B 79 6.30 19.57 17.82
C GLY B 79 5.02 20.39 17.76
N PHE B 80 3.88 19.71 17.84
CA PHE B 80 2.60 20.39 17.80
C PHE B 80 2.54 21.35 19.00
N LEU B 81 3.07 20.89 20.12
CA LEU B 81 3.11 21.68 21.33
C LEU B 81 3.92 22.95 21.13
N ALA B 82 5.19 22.77 20.74
CA ALA B 82 6.08 23.91 20.54
C ALA B 82 5.52 24.89 19.54
N PHE B 83 4.95 24.39 18.46
CA PHE B 83 4.40 25.26 17.44
C PHE B 83 3.22 26.08 17.93
N THR B 84 2.21 25.42 18.51
CA THR B 84 1.04 26.14 18.96
C THR B 84 1.34 27.08 20.14
N SER B 85 2.34 26.74 20.95
CA SER B 85 2.70 27.60 22.07
C SER B 85 3.06 28.99 21.59
N LEU B 86 3.86 29.04 20.52
CA LEU B 86 4.33 30.30 19.94
C LEU B 86 3.35 30.98 18.99
N TRP B 87 2.66 30.19 18.18
CA TRP B 87 1.75 30.72 17.18
C TRP B 87 0.29 30.30 17.28
N GLY B 88 -0.05 29.45 18.25
CA GLY B 88 -1.43 29.02 18.37
C GLY B 88 -1.89 28.23 17.15
N PHE B 89 -3.20 28.09 16.98
CA PHE B 89 -3.72 27.34 15.84
C PHE B 89 -3.72 28.22 14.59
N ASP B 90 -2.58 28.26 13.91
CA ASP B 90 -2.42 29.09 12.73
C ASP B 90 -1.95 28.28 11.53
N PRO B 91 -2.90 27.73 10.75
CA PRO B 91 -2.60 26.93 9.55
C PRO B 91 -1.70 27.68 8.58
N GLU B 92 -1.98 28.97 8.40
CA GLU B 92 -1.20 29.80 7.49
C GLU B 92 0.26 29.88 7.88
N ILE B 93 0.53 30.19 9.14
CA ILE B 93 1.91 30.27 9.62
C ILE B 93 2.55 28.89 9.61
N ALA B 94 1.76 27.86 9.88
CA ALA B 94 2.25 26.49 9.93
C ALA B 94 2.99 26.08 8.65
N LYS B 95 2.50 26.53 7.50
CA LYS B 95 3.13 26.18 6.24
C LYS B 95 4.49 26.84 6.01
N THR B 96 4.75 27.91 6.75
CA THR B 96 6.01 28.63 6.62
C THR B 96 7.03 28.11 7.60
N LYS B 97 6.62 27.19 8.45
CA LYS B 97 7.51 26.63 9.46
C LYS B 97 7.71 25.12 9.35
N ILE B 98 8.85 24.67 9.86
CA ILE B 98 9.18 23.25 9.88
C ILE B 98 9.86 22.90 11.20
N VAL B 99 9.26 21.98 11.94
CA VAL B 99 9.82 21.56 13.20
C VAL B 99 10.51 20.22 12.98
N TYR B 100 11.84 20.20 13.04
CA TYR B 100 12.57 18.96 12.86
C TYR B 100 13.32 18.64 14.16
N PHE B 101 13.60 17.36 14.40
CA PHE B 101 14.28 16.96 15.61
C PHE B 101 15.77 16.76 15.49
N MET B 102 16.49 17.40 16.40
CA MET B 102 17.94 17.35 16.44
C MET B 102 18.46 16.15 17.22
N THR B 103 17.88 15.93 18.39
CA THR B 103 18.29 14.82 19.24
C THR B 103 17.14 14.12 19.92
N ILE B 104 17.45 12.94 20.44
CA ILE B 104 16.52 12.09 21.18
C ILE B 104 17.40 11.36 22.19
N ASP B 105 16.96 11.31 23.44
CA ASP B 105 17.76 10.67 24.47
C ASP B 105 16.85 10.10 25.57
N LYS B 106 17.42 9.26 26.43
CA LYS B 106 16.67 8.64 27.54
C LYS B 106 15.46 7.85 27.09
N VAL B 107 15.54 7.18 25.94
CA VAL B 107 14.40 6.40 25.48
C VAL B 107 14.43 5.05 26.17
N LYS B 108 13.27 4.63 26.66
CA LYS B 108 13.17 3.34 27.34
C LYS B 108 11.83 2.71 26.98
N PHE B 109 11.86 1.46 26.57
CA PHE B 109 10.64 0.74 26.22
C PHE B 109 10.39 -0.27 27.32
N ARG B 110 9.20 -0.22 27.91
CA ARG B 110 8.85 -1.10 29.01
C ARG B 110 7.76 -2.12 28.66
N ILE B 111 6.80 -1.73 27.85
CA ILE B 111 5.70 -2.60 27.47
C ILE B 111 5.37 -2.50 25.97
N PRO B 112 5.15 -3.65 25.32
CA PRO B 112 4.84 -3.60 23.88
C PRO B 112 3.42 -3.06 23.62
N VAL B 113 3.29 -2.28 22.56
CA VAL B 113 2.02 -1.68 22.17
C VAL B 113 1.43 -2.56 21.06
N THR B 114 0.15 -2.91 21.18
CA THR B 114 -0.48 -3.78 20.19
C THR B 114 -1.83 -3.26 19.70
N PRO B 115 -2.36 -3.85 18.62
CA PRO B 115 -3.65 -3.43 18.09
C PRO B 115 -4.73 -3.48 19.18
N GLY B 116 -5.48 -2.41 19.32
CA GLY B 116 -6.51 -2.36 20.36
C GLY B 116 -6.11 -1.35 21.42
N ASP B 117 -4.82 -1.02 21.46
CA ASP B 117 -4.31 -0.06 22.42
C ASP B 117 -4.51 1.37 21.97
N ARG B 118 -4.75 2.23 22.95
CA ARG B 118 -4.92 3.67 22.75
C ARG B 118 -3.58 4.20 23.23
N LEU B 119 -2.70 4.57 22.31
CA LEU B 119 -1.37 5.07 22.66
C LEU B 119 -1.39 6.57 22.98
N GLU B 120 -1.34 6.87 24.27
CA GLU B 120 -1.38 8.24 24.77
C GLU B 120 0.00 8.88 24.94
N TYR B 121 0.21 10.02 24.31
CA TYR B 121 1.48 10.73 24.40
C TYR B 121 1.42 11.85 25.46
N HIS B 122 2.33 11.81 26.42
CA HIS B 122 2.42 12.82 27.46
C HIS B 122 3.79 13.47 27.40
N LEU B 123 3.83 14.71 26.94
CA LEU B 123 5.09 15.45 26.85
C LEU B 123 4.95 16.80 27.54
N GLU B 124 6.04 17.24 28.16
CA GLU B 124 6.05 18.55 28.82
C GLU B 124 7.29 19.26 28.31
N VAL B 125 7.26 20.58 28.32
CA VAL B 125 8.41 21.35 27.87
C VAL B 125 9.45 21.33 28.99
N LEU B 126 10.58 20.68 28.74
CA LEU B 126 11.64 20.60 29.76
C LEU B 126 12.34 21.94 29.76
N LYS B 127 12.67 22.43 28.57
CA LYS B 127 13.31 23.73 28.41
C LYS B 127 13.16 24.23 26.98
N HIS B 128 13.17 25.55 26.82
CA HIS B 128 13.05 26.16 25.50
C HIS B 128 13.74 27.51 25.51
N LYS B 129 14.42 27.81 24.41
CA LYS B 129 15.13 29.06 24.24
C LYS B 129 15.08 29.37 22.75
N GLY B 130 14.37 30.42 22.38
CA GLY B 130 14.26 30.75 20.98
C GLY B 130 13.50 29.67 20.25
N MET B 131 14.09 29.14 19.18
CA MET B 131 13.42 28.10 18.41
C MET B 131 13.83 26.71 18.84
N ILE B 132 14.71 26.61 19.83
CA ILE B 132 15.16 25.31 20.34
C ILE B 132 14.28 24.92 21.51
N TRP B 133 13.51 23.84 21.31
CA TRP B 133 12.60 23.34 22.33
C TRP B 133 12.90 21.91 22.74
N GLN B 134 13.04 21.69 24.05
CA GLN B 134 13.30 20.36 24.57
C GLN B 134 12.08 19.85 25.30
N VAL B 135 11.54 18.74 24.82
CA VAL B 135 10.37 18.15 25.44
C VAL B 135 10.69 16.74 25.93
N GLY B 136 9.89 16.25 26.86
CA GLY B 136 10.11 14.93 27.40
C GLY B 136 8.83 14.45 28.05
N GLY B 137 8.75 13.14 28.23
CA GLY B 137 7.56 12.59 28.84
C GLY B 137 7.49 11.10 28.62
N THR B 138 6.27 10.60 28.49
CA THR B 138 6.08 9.17 28.31
C THR B 138 4.99 8.84 27.30
N ALA B 139 4.85 7.56 27.02
CA ALA B 139 3.82 7.04 26.14
C ALA B 139 3.08 6.09 27.09
N GLN B 140 1.77 6.21 27.13
CA GLN B 140 0.98 5.40 28.04
C GLN B 140 -0.19 4.69 27.37
N VAL B 141 -0.49 3.50 27.86
CA VAL B 141 -1.60 2.71 27.38
C VAL B 141 -2.36 2.34 28.63
N ASP B 142 -3.56 2.90 28.77
CA ASP B 142 -4.39 2.63 29.93
C ASP B 142 -3.72 2.98 31.26
N GLY B 143 -3.18 4.20 31.36
CA GLY B 143 -2.56 4.62 32.61
C GLY B 143 -1.16 4.11 32.92
N LYS B 144 -0.69 3.08 32.22
CA LYS B 144 0.65 2.53 32.46
C LYS B 144 1.67 3.07 31.46
N VAL B 145 2.91 3.28 31.92
CA VAL B 145 3.97 3.78 31.07
C VAL B 145 4.54 2.67 30.19
N VAL B 146 4.44 2.83 28.88
CA VAL B 146 4.98 1.83 27.96
C VAL B 146 6.30 2.25 27.37
N ALA B 147 6.56 3.56 27.41
CA ALA B 147 7.81 4.13 26.90
C ALA B 147 8.04 5.53 27.46
N GLU B 148 9.29 5.96 27.40
CA GLU B 148 9.66 7.29 27.85
C GLU B 148 10.77 7.77 26.94
N ALA B 149 10.92 9.09 26.83
CA ALA B 149 11.95 9.66 25.98
C ALA B 149 12.04 11.16 26.13
N GLU B 150 13.18 11.70 25.73
CA GLU B 150 13.44 13.11 25.75
C GLU B 150 13.83 13.49 24.33
N LEU B 151 13.31 14.61 23.85
CA LEU B 151 13.60 15.07 22.50
C LEU B 151 13.84 16.57 22.45
N LYS B 152 14.68 16.99 21.51
CA LYS B 152 15.00 18.40 21.31
C LYS B 152 14.71 18.77 19.87
N ALA B 153 13.87 19.77 19.68
CA ALA B 153 13.51 20.17 18.34
C ALA B 153 13.91 21.60 18.01
N MET B 154 14.14 21.85 16.72
CA MET B 154 14.46 23.21 16.29
C MET B 154 13.36 23.64 15.34
N ILE B 155 12.86 24.85 15.52
CA ILE B 155 11.81 25.35 14.65
C ILE B 155 12.45 26.27 13.63
N ALA B 156 12.20 26.01 12.35
CA ALA B 156 12.79 26.82 11.29
C ALA B 156 11.80 27.17 10.18
N GLU B 157 12.22 28.09 9.31
CA GLU B 157 11.41 28.50 8.17
C GLU B 157 11.42 27.38 7.12
N ARG B 158 10.24 26.98 6.65
CA ARG B 158 10.14 25.93 5.64
C ARG B 158 10.56 26.47 4.27
N GLN C 9 -8.48 -27.55 -18.27
CA GLN C 9 -7.68 -27.91 -19.48
C GLN C 9 -7.67 -26.76 -20.49
N SER C 10 -8.76 -25.99 -20.50
CA SER C 10 -8.84 -24.85 -21.41
C SER C 10 -9.19 -23.56 -20.69
N GLN C 11 -9.88 -23.68 -19.54
CA GLN C 11 -10.30 -22.51 -18.78
C GLN C 11 -9.77 -22.51 -17.35
N PHE C 12 -8.95 -21.53 -17.01
CA PHE C 12 -8.42 -21.45 -15.66
C PHE C 12 -8.77 -20.10 -15.06
N PHE C 13 -9.16 -20.13 -13.79
CA PHE C 13 -9.50 -18.92 -13.08
C PHE C 13 -8.35 -18.50 -12.17
N ILE C 14 -8.55 -17.44 -11.41
CA ILE C 14 -7.50 -16.93 -10.55
C ILE C 14 -6.88 -17.97 -9.61
N GLU C 15 -7.69 -18.85 -9.02
CA GLU C 15 -7.16 -19.87 -8.13
C GLU C 15 -6.16 -20.79 -8.82
N HIS C 16 -6.40 -21.05 -10.09
CA HIS C 16 -5.51 -21.92 -10.86
C HIS C 16 -4.24 -21.19 -11.25
N ILE C 17 -4.38 -19.92 -11.63
CA ILE C 17 -3.23 -19.12 -12.03
C ILE C 17 -2.31 -18.98 -10.84
N LEU C 18 -2.89 -18.84 -9.66
CA LEU C 18 -2.11 -18.70 -8.43
C LEU C 18 -1.27 -19.95 -8.13
N GLN C 19 -1.73 -21.11 -8.57
CA GLN C 19 -0.99 -22.33 -8.31
C GLN C 19 0.11 -22.61 -9.34
N ILE C 20 0.09 -21.90 -10.45
CA ILE C 20 1.11 -22.12 -11.48
C ILE C 20 2.18 -21.02 -11.54
N LEU C 21 1.75 -19.77 -11.50
CA LEU C 21 2.70 -18.66 -11.53
C LEU C 21 3.12 -18.32 -10.10
N PRO C 22 4.39 -17.90 -9.92
CA PRO C 22 4.90 -17.53 -8.59
C PRO C 22 4.52 -16.09 -8.26
N HIS C 23 4.18 -15.32 -9.30
CA HIS C 23 3.81 -13.92 -9.16
C HIS C 23 2.67 -13.70 -8.17
N ARG C 24 2.78 -12.64 -7.39
CA ARG C 24 1.77 -12.28 -6.40
C ARG C 24 1.58 -10.76 -6.43
N TYR C 25 0.61 -10.26 -5.67
CA TYR C 25 0.35 -8.83 -5.62
C TYR C 25 1.60 -8.07 -5.21
N PRO C 26 1.90 -6.94 -5.87
CA PRO C 26 1.14 -6.31 -6.96
C PRO C 26 1.75 -6.59 -8.35
N MET C 27 2.15 -7.82 -8.60
CA MET C 27 2.76 -8.15 -9.88
C MET C 27 2.16 -9.35 -10.61
N LEU C 28 1.00 -9.81 -10.14
CA LEU C 28 0.30 -10.92 -10.80
C LEU C 28 -0.68 -10.21 -11.72
N LEU C 29 -0.32 -10.11 -13.00
CA LEU C 29 -1.14 -9.38 -13.95
C LEU C 29 -1.94 -10.21 -14.96
N VAL C 30 -2.48 -11.34 -14.52
CA VAL C 30 -3.29 -12.20 -15.36
C VAL C 30 -4.43 -12.69 -14.47
N ASP C 31 -5.65 -12.29 -14.80
CA ASP C 31 -6.81 -12.66 -14.00
C ASP C 31 -7.52 -13.96 -14.33
N ARG C 32 -7.57 -14.30 -15.61
CA ARG C 32 -8.28 -15.49 -16.03
C ARG C 32 -7.75 -15.96 -17.40
N ILE C 33 -7.80 -17.27 -17.64
CA ILE C 33 -7.35 -17.85 -18.90
C ILE C 33 -8.61 -18.32 -19.63
N THR C 34 -8.88 -17.74 -20.79
CA THR C 34 -10.09 -18.12 -21.53
C THR C 34 -9.89 -19.30 -22.48
N GLU C 35 -8.67 -19.48 -22.98
CA GLU C 35 -8.40 -20.61 -23.86
C GLU C 35 -6.91 -20.92 -23.96
N LEU C 36 -6.59 -22.21 -24.04
CA LEU C 36 -5.21 -22.67 -24.10
C LEU C 36 -5.04 -23.91 -24.99
N GLN C 37 -4.06 -23.85 -25.88
CA GLN C 37 -3.75 -24.96 -26.77
C GLN C 37 -2.29 -25.28 -26.56
N ALA C 38 -2.03 -26.37 -25.87
CA ALA C 38 -0.66 -26.79 -25.58
C ALA C 38 0.28 -26.63 -26.79
N ASN C 39 1.41 -25.97 -26.55
CA ASN C 39 2.42 -25.75 -27.58
C ASN C 39 2.02 -24.81 -28.70
N GLN C 40 0.83 -24.24 -28.62
CA GLN C 40 0.34 -23.37 -29.69
C GLN C 40 0.01 -21.93 -29.33
N LYS C 41 -1.00 -21.73 -28.49
CA LYS C 41 -1.41 -20.38 -28.16
C LYS C 41 -2.20 -20.28 -26.86
N ILE C 42 -2.32 -19.05 -26.36
CA ILE C 42 -3.06 -18.80 -25.15
C ILE C 42 -3.78 -17.47 -25.23
N VAL C 43 -5.03 -17.45 -24.77
CA VAL C 43 -5.81 -16.23 -24.73
C VAL C 43 -6.18 -16.08 -23.26
N ALA C 44 -5.84 -14.93 -22.69
CA ALA C 44 -6.12 -14.68 -21.30
C ALA C 44 -6.40 -13.20 -21.13
N TYR C 45 -6.66 -12.77 -19.91
CA TYR C 45 -6.93 -11.37 -19.70
C TYR C 45 -6.83 -10.90 -18.26
N LYS C 46 -6.66 -9.59 -18.13
CA LYS C 46 -6.56 -8.93 -16.84
C LYS C 46 -7.47 -7.73 -16.89
N ASN C 47 -8.38 -7.62 -15.93
CA ASN C 47 -9.26 -6.47 -15.89
C ASN C 47 -8.45 -5.28 -15.41
N ILE C 48 -8.76 -4.10 -15.94
CA ILE C 48 -8.09 -2.87 -15.56
C ILE C 48 -9.12 -2.03 -14.78
N THR C 49 -8.79 -1.70 -13.54
CA THR C 49 -9.69 -0.94 -12.70
C THR C 49 -8.93 0.22 -12.04
N PHE C 50 -9.64 1.29 -11.73
CA PHE C 50 -8.98 2.43 -11.10
C PHE C 50 -8.44 2.03 -9.72
N ASN C 51 -9.09 1.07 -9.07
CA ASN C 51 -8.68 0.62 -7.75
C ASN C 51 -7.39 -0.20 -7.73
N GLU C 52 -6.39 0.27 -8.48
CA GLU C 52 -5.09 -0.37 -8.52
C GLU C 52 -4.07 0.68 -8.11
N ASP C 53 -3.14 0.30 -7.25
CA ASP C 53 -2.13 1.23 -6.72
C ASP C 53 -1.31 1.95 -7.80
N VAL C 54 -0.95 1.26 -8.87
CA VAL C 54 -0.17 1.88 -9.94
C VAL C 54 -0.78 3.17 -10.48
N PHE C 55 -2.10 3.26 -10.45
CA PHE C 55 -2.75 4.46 -10.96
C PHE C 55 -2.53 5.69 -10.08
N ASN C 56 -2.04 5.49 -8.86
CA ASN C 56 -1.74 6.63 -8.00
C ASN C 56 -0.62 7.44 -8.63
N GLY C 57 0.29 6.75 -9.32
CA GLY C 57 1.40 7.47 -9.92
C GLY C 57 1.48 7.48 -11.44
N HIS C 58 0.53 6.84 -12.13
CA HIS C 58 0.60 6.78 -13.58
C HIS C 58 -0.74 6.97 -14.30
N PHE C 59 -1.24 8.19 -14.43
CA PHE C 59 -0.65 9.37 -13.84
C PHE C 59 -1.73 10.01 -12.98
N PRO C 60 -1.35 10.90 -12.10
CA PRO C 60 -2.34 11.68 -11.34
C PRO C 60 -3.31 12.44 -12.24
N ASN C 61 -4.60 12.24 -11.99
CA ASN C 61 -5.67 12.78 -12.84
C ASN C 61 -5.74 12.25 -14.26
N LYS C 62 -4.90 11.28 -14.57
CA LYS C 62 -4.88 10.69 -15.90
C LYS C 62 -4.43 9.23 -15.84
N PRO C 63 -5.30 8.35 -15.37
CA PRO C 63 -4.96 6.94 -15.22
C PRO C 63 -4.71 6.21 -16.54
N ILE C 64 -3.49 5.73 -16.71
CA ILE C 64 -3.09 5.03 -17.92
C ILE C 64 -2.30 3.79 -17.52
N PHE C 65 -2.83 2.61 -17.83
CA PHE C 65 -2.14 1.38 -17.47
C PHE C 65 -0.75 1.41 -18.12
N PRO C 66 0.30 1.28 -17.30
CA PRO C 66 1.66 1.31 -17.85
C PRO C 66 1.89 0.34 -19.00
N GLY C 67 2.44 0.86 -20.10
CA GLY C 67 2.74 0.05 -21.26
C GLY C 67 3.61 -1.14 -20.90
N VAL C 68 4.60 -0.93 -20.05
CA VAL C 68 5.49 -2.02 -19.66
C VAL C 68 4.75 -3.13 -18.91
N LEU C 69 3.68 -2.78 -18.22
CA LEU C 69 2.94 -3.81 -17.48
C LEU C 69 2.08 -4.63 -18.43
N ILE C 70 1.74 -4.06 -19.59
CA ILE C 70 0.96 -4.82 -20.59
C ILE C 70 1.93 -5.90 -21.08
N VAL C 71 3.17 -5.50 -21.36
CA VAL C 71 4.19 -6.43 -21.81
C VAL C 71 4.45 -7.49 -20.75
N GLU C 72 4.40 -7.08 -19.49
CA GLU C 72 4.61 -8.01 -18.38
C GLU C 72 3.47 -9.00 -18.33
N GLY C 73 2.25 -8.51 -18.56
CA GLY C 73 1.08 -9.38 -18.54
C GLY C 73 1.18 -10.39 -19.67
N MET C 74 1.69 -9.93 -20.81
CA MET C 74 1.86 -10.82 -21.95
C MET C 74 2.92 -11.88 -21.62
N ALA C 75 3.98 -11.46 -20.94
CA ALA C 75 5.05 -12.40 -20.56
C ALA C 75 4.49 -13.45 -19.61
N GLN C 76 3.69 -13.03 -18.65
CA GLN C 76 3.11 -13.96 -17.69
C GLN C 76 2.24 -14.98 -18.44
N SER C 77 1.43 -14.50 -19.38
CA SER C 77 0.58 -15.41 -20.14
C SER C 77 1.46 -16.41 -20.91
N GLY C 78 2.53 -15.92 -21.51
CA GLY C 78 3.42 -16.80 -22.23
C GLY C 78 4.00 -17.86 -21.29
N GLY C 79 4.46 -17.42 -20.13
CA GLY C 79 5.02 -18.35 -19.18
C GLY C 79 4.05 -19.43 -18.75
N PHE C 80 2.79 -19.07 -18.58
CA PHE C 80 1.78 -20.04 -18.18
C PHE C 80 1.57 -21.00 -19.36
N LEU C 81 1.63 -20.47 -20.58
CA LEU C 81 1.47 -21.30 -21.77
C LEU C 81 2.61 -22.31 -21.82
N ALA C 82 3.83 -21.82 -21.76
CA ALA C 82 5.00 -22.68 -21.80
C ALA C 82 4.90 -23.76 -20.71
N PHE C 83 4.79 -23.33 -19.45
CA PHE C 83 4.71 -24.29 -18.37
C PHE C 83 3.64 -25.37 -18.55
N THR C 84 2.41 -24.95 -18.86
CA THR C 84 1.32 -25.90 -19.02
C THR C 84 1.50 -26.82 -20.22
N SER C 85 2.23 -26.37 -21.23
CA SER C 85 2.50 -27.20 -22.40
C SER C 85 3.39 -28.36 -21.98
N LEU C 86 4.38 -28.05 -21.16
CA LEU C 86 5.35 -29.03 -20.64
C LEU C 86 4.87 -30.04 -19.61
N TRP C 87 4.11 -29.57 -18.62
CA TRP C 87 3.63 -30.44 -17.53
C TRP C 87 2.13 -30.35 -17.23
N GLY C 88 1.40 -29.55 -18.00
CA GLY C 88 -0.03 -29.43 -17.75
C GLY C 88 -0.27 -28.69 -16.44
N PHE C 89 -1.47 -28.80 -15.89
CA PHE C 89 -1.78 -28.14 -14.63
C PHE C 89 -1.19 -28.92 -13.46
N ASP C 90 0.05 -28.59 -13.10
CA ASP C 90 0.72 -29.28 -12.01
C ASP C 90 1.35 -28.29 -11.03
N PRO C 91 0.60 -27.94 -9.97
CA PRO C 91 1.07 -26.99 -8.95
C PRO C 91 2.37 -27.43 -8.29
N GLU C 92 2.47 -28.71 -7.98
CA GLU C 92 3.66 -29.26 -7.33
C GLU C 92 4.93 -29.07 -8.15
N ILE C 93 4.88 -29.38 -9.45
CA ILE C 93 6.05 -29.20 -10.30
C ILE C 93 6.26 -27.70 -10.53
N ALA C 94 5.18 -26.93 -10.50
CA ALA C 94 5.25 -25.48 -10.73
C ALA C 94 6.16 -24.82 -9.70
N LYS C 95 6.10 -25.32 -8.46
CA LYS C 95 6.91 -24.77 -7.38
C LYS C 95 8.40 -25.00 -7.56
N THR C 96 8.78 -25.91 -8.47
CA THR C 96 10.19 -26.21 -8.68
C THR C 96 10.74 -25.60 -9.98
N LYS C 97 9.92 -24.81 -10.66
CA LYS C 97 10.32 -24.21 -11.93
C LYS C 97 10.29 -22.70 -11.94
N ILE C 98 11.05 -22.13 -12.87
CA ILE C 98 11.10 -20.70 -13.04
C ILE C 98 11.32 -20.45 -14.52
N VAL C 99 10.76 -19.38 -15.04
CA VAL C 99 10.98 -19.03 -16.43
C VAL C 99 11.40 -17.58 -16.47
N TYR C 100 12.68 -17.32 -16.75
CA TYR C 100 13.11 -15.92 -16.84
C TYR C 100 12.97 -15.48 -18.27
N PHE C 101 12.58 -14.23 -18.46
CA PHE C 101 12.47 -13.70 -19.79
C PHE C 101 13.82 -13.10 -20.14
N MET C 102 14.38 -13.58 -21.23
CA MET C 102 15.69 -13.15 -21.68
C MET C 102 15.64 -11.89 -22.54
N THR C 103 14.67 -11.84 -23.46
CA THR C 103 14.53 -10.70 -24.35
C THR C 103 13.08 -10.31 -24.62
N ILE C 104 12.92 -9.07 -25.08
CA ILE C 104 11.62 -8.51 -25.43
C ILE C 104 11.89 -7.75 -26.72
N ASP C 105 11.08 -8.00 -27.75
CA ASP C 105 11.29 -7.33 -29.02
C ASP C 105 10.04 -6.91 -29.73
N LYS C 106 10.23 -5.96 -30.64
CA LYS C 106 9.17 -5.44 -31.48
C LYS C 106 7.85 -5.13 -30.78
N VAL C 107 7.91 -4.41 -29.68
CA VAL C 107 6.68 -4.06 -29.01
C VAL C 107 6.28 -2.68 -29.51
N LYS C 108 4.99 -2.50 -29.77
CA LYS C 108 4.47 -1.24 -30.25
C LYS C 108 3.16 -1.00 -29.50
N PHE C 109 2.95 0.24 -29.08
CA PHE C 109 1.74 0.60 -28.37
C PHE C 109 0.88 1.47 -29.28
N ARG C 110 -0.33 0.99 -29.58
CA ARG C 110 -1.23 1.70 -30.48
C ARG C 110 -2.34 2.50 -29.80
N ILE C 111 -2.85 1.98 -28.68
CA ILE C 111 -3.94 2.62 -27.97
C ILE C 111 -3.76 2.50 -26.45
N PRO C 112 -3.89 3.61 -25.72
CA PRO C 112 -3.74 3.59 -24.26
C PRO C 112 -4.77 2.69 -23.60
N VAL C 113 -4.37 2.06 -22.51
CA VAL C 113 -5.25 1.18 -21.75
C VAL C 113 -5.66 1.93 -20.49
N THR C 114 -6.94 1.90 -20.15
CA THR C 114 -7.41 2.64 -18.98
C THR C 114 -8.42 1.89 -18.12
N PRO C 115 -8.70 2.40 -16.91
CA PRO C 115 -9.66 1.77 -16.00
C PRO C 115 -10.96 1.48 -16.74
N GLY C 116 -11.47 0.26 -16.62
CA GLY C 116 -12.70 -0.10 -17.31
C GLY C 116 -12.41 -0.98 -18.50
N ASP C 117 -11.14 -1.09 -18.89
CA ASP C 117 -10.75 -1.91 -20.03
C ASP C 117 -10.47 -3.36 -19.62
N ARG C 118 -10.80 -4.26 -20.55
CA ARG C 118 -10.57 -5.69 -20.37
C ARG C 118 -9.34 -5.97 -21.25
N LEU C 119 -8.16 -5.97 -20.65
CA LEU C 119 -6.93 -6.20 -21.42
C LEU C 119 -6.76 -7.68 -21.72
N GLU C 120 -6.95 -8.04 -22.99
CA GLU C 120 -6.87 -9.42 -23.44
C GLU C 120 -5.53 -9.77 -24.11
N TYR C 121 -4.81 -10.72 -23.53
CA TYR C 121 -3.52 -11.13 -24.06
C TYR C 121 -3.67 -12.26 -25.05
N HIS C 122 -3.08 -12.10 -26.22
CA HIS C 122 -3.12 -13.13 -27.25
C HIS C 122 -1.68 -13.51 -27.60
N LEU C 123 -1.25 -14.66 -27.11
CA LEU C 123 0.10 -15.16 -27.35
C LEU C 123 0.12 -16.47 -28.10
N GLU C 124 1.16 -16.66 -28.92
CA GLU C 124 1.34 -17.89 -29.67
C GLU C 124 2.82 -18.28 -29.61
N VAL C 125 3.10 -19.58 -29.60
CA VAL C 125 4.49 -20.03 -29.57
C VAL C 125 5.11 -19.77 -30.93
N LEU C 126 6.16 -18.95 -30.95
CA LEU C 126 6.84 -18.62 -32.19
C LEU C 126 7.96 -19.61 -32.44
N LYS C 127 8.50 -20.17 -31.38
CA LYS C 127 9.59 -21.11 -31.51
C LYS C 127 9.88 -21.75 -30.15
N HIS C 128 10.09 -23.07 -30.15
CA HIS C 128 10.41 -23.78 -28.93
C HIS C 128 11.60 -24.70 -29.19
N LYS C 129 12.75 -24.31 -28.66
CA LYS C 129 13.98 -25.05 -28.83
C LYS C 129 14.62 -25.31 -27.47
N GLY C 130 14.49 -26.53 -26.97
CA GLY C 130 15.06 -26.89 -25.68
C GLY C 130 14.36 -26.20 -24.53
N MET C 131 15.13 -25.49 -23.71
CA MET C 131 14.58 -24.78 -22.57
C MET C 131 14.11 -23.39 -22.99
N ILE C 132 14.47 -23.00 -24.21
CA ILE C 132 14.11 -21.69 -24.73
C ILE C 132 12.75 -21.64 -25.43
N TRP C 133 11.93 -20.67 -25.05
CA TRP C 133 10.63 -20.50 -25.66
C TRP C 133 10.50 -19.07 -26.18
N GLN C 134 10.08 -18.93 -27.42
CA GLN C 134 9.86 -17.60 -27.98
C GLN C 134 8.39 -17.46 -28.30
N VAL C 135 7.74 -16.49 -27.67
CA VAL C 135 6.33 -16.25 -27.88
C VAL C 135 6.09 -14.84 -28.37
N GLY C 136 4.94 -14.65 -29.02
CA GLY C 136 4.63 -13.35 -29.54
C GLY C 136 3.14 -13.19 -29.71
N GLY C 137 2.70 -11.95 -29.80
CA GLY C 137 1.29 -11.73 -29.97
C GLY C 137 0.87 -10.29 -29.77
N THR C 138 -0.35 -10.13 -29.30
CA THR C 138 -0.91 -8.81 -29.11
C THR C 138 -1.73 -8.74 -27.83
N ALA C 139 -2.05 -7.52 -27.44
CA ALA C 139 -2.89 -7.25 -26.29
C ALA C 139 -4.07 -6.56 -26.96
N GLN C 140 -5.29 -6.96 -26.62
CA GLN C 140 -6.45 -6.38 -27.26
C GLN C 140 -7.52 -5.92 -26.27
N VAL C 141 -8.22 -4.85 -26.63
CA VAL C 141 -9.31 -4.32 -25.82
C VAL C 141 -10.48 -4.19 -26.79
N ASP C 142 -11.57 -4.90 -26.52
CA ASP C 142 -12.74 -4.86 -27.41
C ASP C 142 -12.39 -5.15 -28.88
N GLY C 143 -11.59 -6.18 -29.12
CA GLY C 143 -11.24 -6.53 -30.49
C GLY C 143 -10.14 -5.72 -31.16
N LYS C 144 -9.80 -4.54 -30.63
CA LYS C 144 -8.74 -3.74 -31.23
C LYS C 144 -7.38 -4.07 -30.62
N VAL C 145 -6.34 -4.02 -31.45
CA VAL C 145 -4.99 -4.29 -30.97
C VAL C 145 -4.45 -3.03 -30.28
N VAL C 146 -4.10 -3.16 -29.00
CA VAL C 146 -3.59 -2.02 -28.25
C VAL C 146 -2.07 -2.08 -28.09
N ALA C 147 -1.52 -3.28 -28.25
CA ALA C 147 -0.07 -3.46 -28.15
C ALA C 147 0.36 -4.76 -28.82
N GLU C 148 1.61 -4.80 -29.27
CA GLU C 148 2.20 -5.97 -29.91
C GLU C 148 3.50 -6.25 -29.20
N ALA C 149 3.98 -7.49 -29.24
CA ALA C 149 5.23 -7.83 -28.59
C ALA C 149 5.71 -9.25 -28.84
N GLU C 150 7.04 -9.39 -28.86
CA GLU C 150 7.67 -10.68 -29.02
C GLU C 150 8.57 -10.78 -27.79
N LEU C 151 8.69 -12.00 -27.25
CA LEU C 151 9.52 -12.24 -26.09
C LEU C 151 10.04 -13.66 -26.05
N LYS C 152 11.22 -13.82 -25.47
CA LYS C 152 11.86 -15.12 -25.36
C LYS C 152 12.11 -15.40 -23.89
N ALA C 153 11.92 -16.65 -23.50
CA ALA C 153 12.11 -17.02 -22.12
C ALA C 153 12.86 -18.35 -22.04
N MET C 154 13.36 -18.65 -20.84
CA MET C 154 14.09 -19.89 -20.61
C MET C 154 13.44 -20.62 -19.42
N ILE C 155 13.30 -21.93 -19.56
CA ILE C 155 12.74 -22.75 -18.49
C ILE C 155 13.94 -23.22 -17.69
N ALA C 156 13.81 -23.17 -16.37
CA ALA C 156 14.92 -23.58 -15.50
C ALA C 156 14.42 -24.08 -14.16
N GLU C 157 15.29 -24.79 -13.44
CA GLU C 157 14.93 -25.33 -12.13
C GLU C 157 14.98 -24.20 -11.11
N ARG C 158 13.97 -24.14 -10.24
CA ARG C 158 13.87 -23.10 -9.21
C ARG C 158 15.09 -23.12 -8.29
N SER D 10 24.48 20.19 -13.92
CA SER D 10 24.23 18.99 -14.79
C SER D 10 23.68 17.81 -13.97
N GLN D 11 23.44 18.04 -12.69
CA GLN D 11 22.90 17.01 -11.82
C GLN D 11 21.57 17.49 -11.25
N PHE D 12 20.63 16.56 -11.08
CA PHE D 12 19.31 16.89 -10.55
C PHE D 12 18.89 15.87 -9.51
N PHE D 13 18.31 16.37 -8.43
CA PHE D 13 17.88 15.50 -7.37
C PHE D 13 16.38 15.25 -7.44
N ILE D 14 15.89 14.35 -6.59
CA ILE D 14 14.48 13.99 -6.60
C ILE D 14 13.55 15.20 -6.57
N GLU D 15 13.93 16.27 -5.87
CA GLU D 15 13.09 17.47 -5.78
C GLU D 15 12.95 18.08 -7.17
N HIS D 16 14.01 17.94 -7.98
CA HIS D 16 14.01 18.47 -9.33
C HIS D 16 13.23 17.54 -10.27
N ILE D 17 13.47 16.24 -10.15
CA ILE D 17 12.79 15.26 -10.97
C ILE D 17 11.28 15.35 -10.83
N LEU D 18 10.81 15.45 -9.57
CA LEU D 18 9.38 15.56 -9.28
C LEU D 18 8.77 16.76 -10.00
N GLN D 19 9.58 17.79 -10.20
CA GLN D 19 9.11 19.00 -10.87
C GLN D 19 9.04 18.88 -12.39
N ILE D 20 9.74 17.90 -12.95
CA ILE D 20 9.76 17.71 -14.39
C ILE D 20 8.93 16.53 -14.88
N LEU D 21 9.12 15.35 -14.31
CA LEU D 21 8.37 14.17 -14.72
C LEU D 21 7.00 14.12 -14.04
N PRO D 22 5.98 13.62 -14.76
CA PRO D 22 4.61 13.51 -14.24
C PRO D 22 4.39 12.27 -13.39
N HIS D 23 5.31 11.31 -13.48
CA HIS D 23 5.21 10.08 -12.71
C HIS D 23 5.28 10.34 -11.21
N ARG D 24 4.49 9.58 -10.46
CA ARG D 24 4.46 9.66 -9.00
C ARG D 24 4.45 8.23 -8.46
N TYR D 25 4.49 8.08 -7.15
CA TYR D 25 4.49 6.75 -6.53
C TYR D 25 3.23 5.98 -6.92
N PRO D 26 3.35 4.68 -7.21
CA PRO D 26 4.57 3.88 -7.18
C PRO D 26 5.14 3.68 -8.58
N MET D 27 5.22 4.75 -9.38
CA MET D 27 5.72 4.62 -10.73
C MET D 27 6.78 5.63 -11.17
N LEU D 28 7.38 6.34 -10.21
CA LEU D 28 8.45 7.28 -10.52
C LEU D 28 9.66 6.43 -10.16
N LEU D 29 10.35 5.91 -11.16
CA LEU D 29 11.48 5.02 -10.94
C LEU D 29 12.86 5.56 -11.27
N VAL D 30 13.04 6.85 -11.06
CA VAL D 30 14.33 7.50 -11.27
C VAL D 30 14.50 8.34 -10.00
N ASP D 31 15.63 8.21 -9.33
CA ASP D 31 15.87 8.92 -8.08
C ASP D 31 16.76 10.15 -8.16
N ARG D 32 17.74 10.11 -9.05
CA ARG D 32 18.70 11.20 -9.18
C ARG D 32 19.32 11.20 -10.58
N ILE D 33 19.60 12.40 -11.10
CA ILE D 33 20.23 12.52 -12.42
C ILE D 33 21.67 12.90 -12.17
N THR D 34 22.61 12.09 -12.66
CA THR D 34 24.02 12.39 -12.42
C THR D 34 24.73 13.05 -13.59
N GLU D 35 24.20 12.85 -14.79
CA GLU D 35 24.84 13.42 -15.97
C GLU D 35 23.81 13.71 -17.06
N LEU D 36 23.86 14.91 -17.63
CA LEU D 36 22.92 15.30 -18.67
C LEU D 36 23.50 16.22 -19.75
N GLN D 37 23.43 15.79 -21.01
CA GLN D 37 23.89 16.57 -22.16
C GLN D 37 22.69 16.77 -23.08
N ALA D 38 22.14 17.99 -23.11
CA ALA D 38 20.97 18.26 -23.93
C ALA D 38 21.03 17.61 -25.33
N ASN D 39 19.93 16.96 -25.70
CA ASN D 39 19.76 16.29 -26.99
C ASN D 39 20.78 15.19 -27.29
N GLN D 40 21.55 14.76 -26.30
CA GLN D 40 22.54 13.73 -26.54
C GLN D 40 22.51 12.50 -25.64
N LYS D 41 22.70 12.69 -24.33
CA LYS D 41 22.71 11.56 -23.41
C LYS D 41 22.36 11.94 -21.98
N ILE D 42 22.09 10.91 -21.19
CA ILE D 42 21.76 11.12 -19.79
C ILE D 42 22.14 9.90 -18.97
N VAL D 43 22.70 10.16 -17.79
CA VAL D 43 23.04 9.08 -16.88
C VAL D 43 22.31 9.41 -15.58
N ALA D 44 21.57 8.43 -15.08
CA ALA D 44 20.80 8.62 -13.87
C ALA D 44 20.73 7.27 -13.17
N TYR D 45 20.05 7.24 -12.03
CA TYR D 45 19.92 5.97 -11.33
C TYR D 45 18.75 5.95 -10.37
N LYS D 46 18.39 4.72 -9.99
CA LYS D 46 17.31 4.48 -9.05
C LYS D 46 17.85 3.47 -8.04
N ASN D 47 17.74 3.79 -6.75
CA ASN D 47 18.19 2.87 -5.73
C ASN D 47 17.16 1.76 -5.60
N ILE D 48 17.64 0.53 -5.45
CA ILE D 48 16.78 -0.62 -5.29
C ILE D 48 16.86 -1.05 -3.83
N THR D 49 15.71 -1.09 -3.15
CA THR D 49 15.67 -1.49 -1.75
C THR D 49 14.55 -2.49 -1.50
N PHE D 50 14.72 -3.33 -0.49
CA PHE D 50 13.70 -4.31 -0.17
C PHE D 50 12.39 -3.61 0.20
N ASN D 51 12.50 -2.41 0.74
CA ASN D 51 11.34 -1.65 1.19
C ASN D 51 10.45 -1.08 0.09
N GLU D 52 10.24 -1.86 -0.95
CA GLU D 52 9.39 -1.44 -2.07
C GLU D 52 8.27 -2.46 -2.22
N ASP D 53 7.05 -1.95 -2.41
CA ASP D 53 5.87 -2.79 -2.54
C ASP D 53 5.98 -3.84 -3.64
N VAL D 54 6.59 -3.48 -4.77
CA VAL D 54 6.75 -4.41 -5.89
C VAL D 54 7.29 -5.76 -5.44
N PHE D 55 8.25 -5.75 -4.52
CA PHE D 55 8.85 -6.98 -4.04
C PHE D 55 7.93 -7.94 -3.30
N ASN D 56 6.79 -7.46 -2.80
CA ASN D 56 5.86 -8.35 -2.12
C ASN D 56 5.39 -9.42 -3.13
N GLY D 57 5.34 -9.06 -4.40
CA GLY D 57 4.88 -10.03 -5.39
C GLY D 57 5.88 -10.45 -6.46
N HIS D 58 7.14 -10.04 -6.33
CA HIS D 58 8.13 -10.38 -7.35
C HIS D 58 9.54 -10.60 -6.79
N PHE D 59 9.75 -11.69 -6.05
CA PHE D 59 8.73 -12.68 -5.73
C PHE D 59 8.85 -13.04 -4.25
N PRO D 60 7.83 -13.68 -3.69
CA PRO D 60 7.93 -14.05 -2.26
C PRO D 60 9.22 -14.83 -1.99
N ASN D 61 9.97 -14.36 -0.99
CA ASN D 61 11.25 -14.95 -0.57
C ASN D 61 12.34 -14.97 -1.63
N LYS D 62 12.23 -14.09 -2.62
CA LYS D 62 13.21 -14.01 -3.70
C LYS D 62 12.94 -12.71 -4.45
N PRO D 63 13.33 -11.57 -3.84
CA PRO D 63 13.12 -10.26 -4.46
C PRO D 63 13.97 -9.97 -5.69
N ILE D 64 13.30 -9.77 -6.81
CA ILE D 64 13.96 -9.46 -8.07
C ILE D 64 13.24 -8.29 -8.72
N PHE D 65 13.96 -7.21 -8.98
CA PHE D 65 13.36 -6.03 -9.58
C PHE D 65 12.90 -6.41 -10.98
N PRO D 66 11.59 -6.33 -11.25
CA PRO D 66 11.00 -6.66 -12.55
C PRO D 66 11.73 -6.04 -13.74
N GLY D 67 12.08 -6.89 -14.70
CA GLY D 67 12.78 -6.41 -15.89
C GLY D 67 12.04 -5.29 -16.59
N VAL D 68 10.72 -5.41 -16.72
CA VAL D 68 9.93 -4.40 -17.39
C VAL D 68 10.03 -3.05 -16.67
N LEU D 69 10.25 -3.06 -15.36
CA LEU D 69 10.37 -1.80 -14.63
C LEU D 69 11.73 -1.17 -14.87
N ILE D 70 12.73 -1.99 -15.22
CA ILE D 70 14.05 -1.45 -15.54
C ILE D 70 13.91 -0.65 -16.84
N VAL D 71 13.15 -1.19 -17.78
CA VAL D 71 12.93 -0.50 -19.05
C VAL D 71 12.16 0.80 -18.77
N GLU D 72 11.17 0.71 -17.89
CA GLU D 72 10.36 1.86 -17.51
C GLU D 72 11.29 2.95 -16.97
N GLY D 73 12.25 2.54 -16.14
CA GLY D 73 13.19 3.49 -15.58
C GLY D 73 14.07 4.16 -16.63
N MET D 74 14.45 3.40 -17.65
CA MET D 74 15.28 3.93 -18.73
C MET D 74 14.43 4.93 -19.51
N ALA D 75 13.18 4.56 -19.75
CA ALA D 75 12.26 5.43 -20.47
C ALA D 75 12.10 6.77 -19.74
N GLN D 76 11.88 6.69 -18.43
CA GLN D 76 11.70 7.87 -17.60
C GLN D 76 12.93 8.76 -17.66
N SER D 77 14.12 8.16 -17.68
CA SER D 77 15.35 8.94 -17.77
C SER D 77 15.37 9.62 -19.13
N GLY D 78 14.98 8.89 -20.16
CA GLY D 78 14.94 9.44 -21.49
C GLY D 78 13.95 10.60 -21.52
N GLY D 79 12.78 10.40 -20.90
CA GLY D 79 11.78 11.43 -20.87
C GLY D 79 12.32 12.69 -20.21
N PHE D 80 13.12 12.53 -19.16
CA PHE D 80 13.67 13.68 -18.47
C PHE D 80 14.65 14.40 -19.40
N LEU D 81 15.41 13.62 -20.17
CA LEU D 81 16.37 14.20 -21.11
C LEU D 81 15.60 14.97 -22.17
N ALA D 82 14.65 14.29 -22.78
CA ALA D 82 13.81 14.86 -23.83
C ALA D 82 13.21 16.20 -23.43
N PHE D 83 12.60 16.26 -22.25
CA PHE D 83 11.97 17.50 -21.82
C PHE D 83 12.91 18.65 -21.51
N THR D 84 13.96 18.42 -20.72
CA THR D 84 14.88 19.49 -20.39
C THR D 84 15.62 19.97 -21.65
N SER D 85 15.71 19.11 -22.65
CA SER D 85 16.37 19.46 -23.90
C SER D 85 15.53 20.50 -24.65
N LEU D 86 14.21 20.33 -24.60
CA LEU D 86 13.30 21.21 -25.30
C LEU D 86 12.83 22.44 -24.52
N TRP D 87 12.74 22.33 -23.20
CA TRP D 87 12.30 23.46 -22.38
C TRP D 87 13.20 23.79 -21.22
N GLY D 88 14.28 23.03 -21.06
CA GLY D 88 15.17 23.28 -19.94
C GLY D 88 14.39 22.95 -18.68
N PHE D 89 14.85 23.42 -17.53
CA PHE D 89 14.14 23.13 -16.30
C PHE D 89 12.96 24.10 -16.16
N ASP D 90 11.82 23.71 -16.71
CA ASP D 90 10.61 24.53 -16.68
C ASP D 90 9.44 23.76 -16.04
N PRO D 91 9.29 23.85 -14.72
CA PRO D 91 8.22 23.15 -14.02
C PRO D 91 6.81 23.52 -14.51
N GLU D 92 6.62 24.80 -14.85
CA GLU D 92 5.30 25.21 -15.31
C GLU D 92 4.85 24.52 -16.59
N ILE D 93 5.74 24.40 -17.55
CA ILE D 93 5.36 23.76 -18.80
C ILE D 93 5.38 22.24 -18.69
N ALA D 94 6.12 21.72 -17.71
CA ALA D 94 6.19 20.28 -17.54
C ALA D 94 4.88 19.73 -17.00
N LYS D 95 4.23 20.48 -16.11
CA LYS D 95 2.99 19.98 -15.53
C LYS D 95 1.83 19.88 -16.52
N THR D 96 2.05 20.34 -17.75
CA THR D 96 1.02 20.27 -18.77
C THR D 96 1.24 19.08 -19.72
N LYS D 97 2.23 18.23 -19.43
CA LYS D 97 2.53 17.10 -20.30
C LYS D 97 2.63 15.76 -19.58
N ILE D 98 2.60 14.70 -20.37
CA ILE D 98 2.78 13.34 -19.87
C ILE D 98 3.66 12.69 -20.93
N VAL D 99 4.12 11.47 -20.69
CA VAL D 99 4.97 10.82 -21.67
C VAL D 99 4.27 9.54 -22.09
N TYR D 100 4.33 9.24 -23.38
CA TYR D 100 3.68 8.03 -23.87
C TYR D 100 4.70 7.10 -24.51
N PHE D 101 4.62 5.83 -24.15
CA PHE D 101 5.50 4.81 -24.69
C PHE D 101 4.97 4.47 -26.08
N MET D 102 5.83 4.53 -27.09
CA MET D 102 5.39 4.21 -28.45
C MET D 102 5.88 2.84 -28.91
N THR D 103 7.16 2.56 -28.65
CA THR D 103 7.73 1.27 -29.02
C THR D 103 8.89 0.90 -28.10
N ILE D 104 9.18 -0.39 -28.04
CA ILE D 104 10.31 -0.88 -27.26
C ILE D 104 10.94 -1.92 -28.18
N ASP D 105 12.26 -1.92 -28.23
CA ASP D 105 12.98 -2.86 -29.09
C ASP D 105 14.30 -3.31 -28.50
N LYS D 106 14.75 -4.47 -28.97
CA LYS D 106 16.03 -5.03 -28.58
C LYS D 106 16.38 -4.98 -27.09
N VAL D 107 15.44 -5.37 -26.24
CA VAL D 107 15.76 -5.38 -24.82
C VAL D 107 16.26 -6.77 -24.44
N LYS D 108 17.35 -6.79 -23.68
CA LYS D 108 17.95 -8.02 -23.21
C LYS D 108 18.16 -7.87 -21.71
N PHE D 109 17.83 -8.92 -20.96
CA PHE D 109 18.00 -8.91 -19.51
C PHE D 109 19.13 -9.88 -19.23
N ARG D 110 20.29 -9.36 -18.86
CA ARG D 110 21.47 -10.19 -18.61
C ARG D 110 21.73 -10.55 -17.15
N ILE D 111 21.40 -9.65 -16.23
CA ILE D 111 21.66 -9.92 -14.81
C ILE D 111 20.50 -9.46 -13.92
N PRO D 112 20.03 -10.35 -13.03
CA PRO D 112 18.91 -9.97 -12.15
C PRO D 112 19.30 -8.79 -11.25
N VAL D 113 18.35 -7.89 -11.01
CA VAL D 113 18.57 -6.73 -10.16
C VAL D 113 17.88 -6.99 -8.82
N THR D 114 18.63 -6.81 -7.72
CA THR D 114 18.08 -7.08 -6.41
C THR D 114 18.32 -5.97 -5.39
N PRO D 115 17.60 -6.02 -4.25
CA PRO D 115 17.74 -5.03 -3.18
C PRO D 115 19.21 -4.81 -2.84
N GLY D 116 19.61 -3.55 -2.70
CA GLY D 116 21.00 -3.22 -2.39
C GLY D 116 21.72 -2.75 -3.64
N ASP D 117 21.10 -2.94 -4.80
CA ASP D 117 21.69 -2.52 -6.07
C ASP D 117 21.37 -1.06 -6.37
N ARG D 118 22.32 -0.40 -7.01
CA ARG D 118 22.15 0.98 -7.47
C ARG D 118 21.94 0.80 -8.98
N LEU D 119 20.69 0.85 -9.43
CA LEU D 119 20.38 0.67 -10.84
C LEU D 119 20.68 1.93 -11.63
N GLU D 120 21.75 1.88 -12.41
CA GLU D 120 22.19 3.02 -13.20
C GLU D 120 21.69 3.00 -14.64
N TYR D 121 21.02 4.08 -15.05
CA TYR D 121 20.49 4.22 -16.40
C TYR D 121 21.43 5.03 -17.31
N HIS D 122 21.79 4.46 -18.45
CA HIS D 122 22.65 5.11 -19.44
C HIS D 122 21.88 5.17 -20.75
N LEU D 123 21.47 6.37 -21.14
CA LEU D 123 20.72 6.54 -22.38
C LEU D 123 21.36 7.57 -23.28
N GLU D 124 21.21 7.38 -24.57
CA GLU D 124 21.72 8.33 -25.55
C GLU D 124 20.57 8.47 -26.54
N VAL D 125 20.37 9.66 -27.08
CA VAL D 125 19.28 9.84 -28.02
C VAL D 125 19.71 9.33 -29.39
N LEU D 126 18.98 8.34 -29.90
CA LEU D 126 19.26 7.77 -31.19
C LEU D 126 18.68 8.68 -32.25
N LYS D 127 17.61 9.36 -31.89
CA LYS D 127 16.92 10.25 -32.80
C LYS D 127 15.84 11.02 -32.06
N HIS D 128 15.51 12.21 -32.55
CA HIS D 128 14.46 12.99 -31.91
C HIS D 128 13.91 14.01 -32.90
N LYS D 129 12.58 14.16 -32.87
CA LYS D 129 11.88 15.06 -33.78
C LYS D 129 10.64 15.58 -33.05
N GLY D 130 10.70 16.84 -32.62
CA GLY D 130 9.59 17.43 -31.92
C GLY D 130 9.36 16.73 -30.59
N MET D 131 8.15 16.22 -30.39
CA MET D 131 7.81 15.53 -29.15
C MET D 131 8.22 14.05 -29.20
N ILE D 132 8.68 13.59 -30.36
CA ILE D 132 9.09 12.20 -30.54
C ILE D 132 10.58 11.96 -30.30
N TRP D 133 10.90 11.19 -29.26
CA TRP D 133 12.29 10.91 -28.94
C TRP D 133 12.61 9.42 -28.93
N GLN D 134 13.73 9.08 -29.54
CA GLN D 134 14.16 7.69 -29.59
C GLN D 134 15.50 7.58 -28.89
N VAL D 135 15.51 6.81 -27.80
CA VAL D 135 16.72 6.62 -27.02
C VAL D 135 17.07 5.14 -26.92
N GLY D 136 18.32 4.87 -26.56
CA GLY D 136 18.77 3.50 -26.43
C GLY D 136 19.93 3.48 -25.47
N GLY D 137 20.12 2.37 -24.79
CA GLY D 137 21.24 2.29 -23.86
C GLY D 137 21.24 1.04 -23.01
N THR D 138 21.71 1.21 -21.78
CA THR D 138 21.80 0.10 -20.87
C THR D 138 21.47 0.54 -19.44
N ALA D 139 21.35 -0.47 -18.57
CA ALA D 139 21.10 -0.26 -17.16
C ALA D 139 22.31 -0.97 -16.56
N GLN D 140 22.99 -0.29 -15.64
CA GLN D 140 24.19 -0.86 -15.05
C GLN D 140 24.18 -0.92 -13.52
N VAL D 141 24.83 -1.95 -12.99
CA VAL D 141 24.98 -2.13 -11.56
C VAL D 141 26.46 -2.40 -11.33
N ASP D 142 27.09 -1.52 -10.55
CA ASP D 142 28.52 -1.63 -10.27
C ASP D 142 29.29 -1.79 -11.58
N GLY D 143 28.97 -0.96 -12.56
CA GLY D 143 29.67 -1.00 -13.84
C GLY D 143 29.40 -2.15 -14.80
N LYS D 144 28.52 -3.08 -14.43
CA LYS D 144 28.18 -4.19 -15.32
C LYS D 144 26.81 -3.99 -15.94
N VAL D 145 26.67 -4.37 -17.20
CA VAL D 145 25.40 -4.25 -17.90
C VAL D 145 24.46 -5.34 -17.43
N VAL D 146 23.31 -4.94 -16.88
CA VAL D 146 22.33 -5.89 -16.40
C VAL D 146 21.15 -5.92 -17.37
N ALA D 147 21.06 -4.90 -18.21
CA ALA D 147 19.98 -4.84 -19.19
C ALA D 147 20.30 -3.86 -20.31
N GLU D 148 19.69 -4.10 -21.47
CA GLU D 148 19.88 -3.25 -22.64
C GLU D 148 18.49 -3.01 -23.23
N ALA D 149 18.31 -1.89 -23.91
CA ALA D 149 17.02 -1.59 -24.52
C ALA D 149 17.03 -0.33 -25.37
N GLU D 150 16.09 -0.28 -26.30
CA GLU D 150 15.90 0.87 -27.18
C GLU D 150 14.42 1.16 -27.08
N LEU D 151 14.06 2.43 -27.01
CA LEU D 151 12.65 2.75 -26.91
C LEU D 151 12.34 4.12 -27.51
N LYS D 152 11.10 4.28 -27.96
CA LYS D 152 10.66 5.54 -28.54
C LYS D 152 9.45 6.00 -27.73
N ALA D 153 9.50 7.25 -27.29
CA ALA D 153 8.43 7.81 -26.49
C ALA D 153 8.00 9.15 -27.07
N MET D 154 6.85 9.64 -26.61
CA MET D 154 6.32 10.91 -27.08
C MET D 154 5.80 11.76 -25.93
N ILE D 155 6.18 13.02 -25.92
CA ILE D 155 5.71 13.95 -24.90
C ILE D 155 4.43 14.52 -25.47
N ALA D 156 3.35 14.48 -24.70
CA ALA D 156 2.08 14.97 -25.19
C ALA D 156 1.37 15.91 -24.22
N GLU D 157 0.52 16.77 -24.78
CA GLU D 157 -0.24 17.72 -23.99
C GLU D 157 -1.11 16.93 -23.02
N ARG D 158 -0.99 17.24 -21.74
CA ARG D 158 -1.77 16.55 -20.72
C ARG D 158 -3.26 16.67 -21.08
N GLN E 9 -23.08 12.84 -21.71
CA GLN E 9 -24.38 13.04 -21.01
C GLN E 9 -25.05 11.71 -20.64
N SER E 10 -24.65 10.62 -21.29
CA SER E 10 -25.21 9.31 -20.99
C SER E 10 -24.11 8.31 -20.70
N GLN E 11 -22.90 8.60 -21.17
CA GLN E 11 -21.77 7.72 -20.98
C GLN E 11 -20.57 8.54 -20.47
N PHE E 12 -19.97 8.11 -19.36
CA PHE E 12 -18.82 8.82 -18.79
C PHE E 12 -17.69 7.88 -18.45
N PHE E 13 -16.46 8.37 -18.61
CA PHE E 13 -15.27 7.58 -18.32
C PHE E 13 -14.61 7.95 -16.97
N ILE E 14 -13.59 7.19 -16.57
CA ILE E 14 -12.92 7.43 -15.29
C ILE E 14 -12.51 8.89 -15.05
N GLU E 15 -12.17 9.62 -16.11
CA GLU E 15 -11.78 11.02 -15.95
C GLU E 15 -12.97 11.86 -15.49
N HIS E 16 -14.13 11.57 -16.07
CA HIS E 16 -15.35 12.27 -15.72
C HIS E 16 -15.80 11.90 -14.32
N ILE E 17 -15.63 10.63 -13.96
CA ILE E 17 -16.02 10.16 -12.63
C ILE E 17 -15.19 10.86 -11.55
N LEU E 18 -13.90 11.06 -11.82
CA LEU E 18 -12.98 11.72 -10.91
C LEU E 18 -13.32 13.19 -10.68
N GLN E 19 -14.07 13.78 -11.60
CA GLN E 19 -14.44 15.18 -11.46
C GLN E 19 -15.78 15.39 -10.76
N ILE E 20 -16.48 14.28 -10.49
CA ILE E 20 -17.78 14.36 -9.84
C ILE E 20 -17.77 13.77 -8.44
N LEU E 21 -17.36 12.51 -8.30
CA LEU E 21 -17.31 11.85 -7.01
C LEU E 21 -16.09 12.28 -6.20
N PRO E 22 -16.27 12.44 -4.88
CA PRO E 22 -15.13 12.85 -4.04
C PRO E 22 -14.25 11.66 -3.69
N HIS E 23 -14.78 10.46 -3.88
CA HIS E 23 -14.05 9.22 -3.57
C HIS E 23 -12.74 9.10 -4.31
N ARG E 24 -11.74 8.54 -3.62
CA ARG E 24 -10.43 8.35 -4.22
C ARG E 24 -9.88 6.99 -3.83
N TYR E 25 -8.71 6.65 -4.36
CA TYR E 25 -8.10 5.36 -4.06
C TYR E 25 -7.81 5.29 -2.55
N PRO E 26 -8.08 4.13 -1.92
CA PRO E 26 -8.62 2.89 -2.46
C PRO E 26 -10.13 2.75 -2.27
N MET E 27 -10.88 3.85 -2.45
CA MET E 27 -12.32 3.78 -2.26
C MET E 27 -13.18 4.32 -3.41
N LEU E 28 -12.59 4.45 -4.59
CA LEU E 28 -13.33 4.89 -5.76
C LEU E 28 -13.61 3.57 -6.47
N LEU E 29 -14.83 3.09 -6.33
CA LEU E 29 -15.21 1.79 -6.88
C LEU E 29 -16.10 1.76 -8.12
N VAL E 30 -15.99 2.78 -8.95
CA VAL E 30 -16.75 2.87 -10.20
C VAL E 30 -15.75 3.23 -11.29
N ASP E 31 -15.61 2.38 -12.28
CA ASP E 31 -14.66 2.63 -13.37
C ASP E 31 -15.23 3.30 -14.61
N ARG E 32 -16.47 3.00 -14.95
CA ARG E 32 -17.07 3.59 -16.13
C ARG E 32 -18.60 3.64 -16.05
N ILE E 33 -19.19 4.62 -16.72
CA ILE E 33 -20.64 4.76 -16.71
C ILE E 33 -21.16 4.55 -18.13
N THR E 34 -22.06 3.58 -18.30
CA THR E 34 -22.58 3.28 -19.64
C THR E 34 -23.92 3.93 -19.96
N GLU E 35 -24.82 3.99 -18.99
CA GLU E 35 -26.14 4.59 -19.18
C GLU E 35 -26.45 5.55 -18.06
N LEU E 36 -27.00 6.72 -18.40
CA LEU E 36 -27.37 7.70 -17.39
C LEU E 36 -28.65 8.41 -17.81
N GLN E 37 -29.65 8.34 -16.95
CA GLN E 37 -30.87 9.09 -17.10
C GLN E 37 -31.16 9.92 -15.85
N ALA E 38 -31.14 11.23 -16.03
CA ALA E 38 -31.37 12.17 -14.94
C ALA E 38 -32.60 11.87 -14.10
N ASN E 39 -32.39 11.72 -12.80
CA ASN E 39 -33.45 11.53 -11.85
C ASN E 39 -34.07 10.15 -11.88
N GLN E 40 -33.48 9.27 -12.67
CA GLN E 40 -34.13 8.03 -13.07
C GLN E 40 -33.29 6.78 -12.83
N LYS E 41 -32.22 6.61 -13.60
CA LYS E 41 -31.40 5.42 -13.46
C LYS E 41 -29.99 5.59 -13.99
N ILE E 42 -29.12 4.70 -13.57
CA ILE E 42 -27.74 4.73 -14.02
C ILE E 42 -27.24 3.31 -14.11
N VAL E 43 -26.41 3.05 -15.11
CA VAL E 43 -25.80 1.74 -15.30
C VAL E 43 -24.31 2.03 -15.40
N ALA E 44 -23.54 1.45 -14.50
CA ALA E 44 -22.11 1.66 -14.48
C ALA E 44 -21.46 0.35 -14.08
N TYR E 45 -20.14 0.31 -14.09
CA TYR E 45 -19.44 -0.90 -13.72
C TYR E 45 -18.04 -0.65 -13.21
N LYS E 46 -17.53 -1.64 -12.50
CA LYS E 46 -16.18 -1.63 -11.95
C LYS E 46 -15.54 -2.96 -12.32
N ASN E 47 -14.38 -2.92 -12.93
CA ASN E 47 -13.68 -4.16 -13.26
C ASN E 47 -13.08 -4.69 -11.97
N ILE E 48 -13.10 -6.01 -11.82
CA ILE E 48 -12.53 -6.67 -10.65
C ILE E 48 -11.29 -7.43 -11.10
N THR E 49 -10.14 -7.10 -10.50
CA THR E 49 -8.87 -7.74 -10.86
C THR E 49 -8.15 -8.23 -9.61
N PHE E 50 -7.23 -9.17 -9.78
CA PHE E 50 -6.50 -9.68 -8.63
C PHE E 50 -5.61 -8.57 -8.09
N ASN E 51 -5.16 -7.70 -8.98
CA ASN E 51 -4.25 -6.59 -8.64
C ASN E 51 -4.88 -5.50 -7.74
N GLU E 52 -5.75 -5.89 -6.83
CA GLU E 52 -6.38 -4.94 -5.92
C GLU E 52 -5.99 -5.34 -4.48
N ASP E 53 -5.55 -4.35 -3.70
CA ASP E 53 -5.10 -4.54 -2.33
C ASP E 53 -6.07 -5.28 -1.39
N VAL E 54 -7.37 -5.09 -1.56
CA VAL E 54 -8.33 -5.77 -0.70
C VAL E 54 -8.16 -7.28 -0.75
N PHE E 55 -7.72 -7.80 -1.88
CA PHE E 55 -7.55 -9.24 -2.03
C PHE E 55 -6.47 -9.87 -1.17
N ASN E 56 -5.58 -9.05 -0.61
CA ASN E 56 -4.56 -9.56 0.28
C ASN E 56 -5.23 -10.08 1.55
N GLY E 57 -6.37 -9.50 1.89
CA GLY E 57 -7.05 -9.93 3.10
C GLY E 57 -8.42 -10.55 2.95
N HIS E 58 -8.91 -10.69 1.72
CA HIS E 58 -10.25 -11.23 1.55
C HIS E 58 -10.42 -12.10 0.30
N PHE E 59 -9.94 -13.35 0.33
CA PHE E 59 -9.26 -13.96 1.48
C PHE E 59 -7.96 -14.55 0.96
N PRO E 60 -6.96 -14.74 1.83
CA PRO E 60 -5.70 -15.31 1.35
C PRO E 60 -5.97 -16.62 0.57
N ASN E 61 -5.43 -16.71 -0.63
CA ASN E 61 -5.61 -17.87 -1.51
C ASN E 61 -7.02 -18.07 -2.04
N LYS E 62 -7.93 -17.17 -1.69
CA LYS E 62 -9.31 -17.29 -2.16
C LYS E 62 -9.90 -15.89 -2.34
N PRO E 63 -9.54 -15.21 -3.45
CA PRO E 63 -10.00 -13.87 -3.78
C PRO E 63 -11.51 -13.72 -3.98
N ILE E 64 -12.15 -13.02 -3.06
CA ILE E 64 -13.59 -12.75 -3.11
C ILE E 64 -13.80 -11.26 -2.90
N PHE E 65 -14.35 -10.57 -3.90
CA PHE E 65 -14.58 -9.14 -3.75
C PHE E 65 -15.59 -8.98 -2.61
N PRO E 66 -15.23 -8.21 -1.58
CA PRO E 66 -16.13 -8.00 -0.44
C PRO E 66 -17.53 -7.52 -0.82
N GLY E 67 -18.54 -8.19 -0.28
CA GLY E 67 -19.93 -7.84 -0.55
C GLY E 67 -20.22 -6.40 -0.18
N VAL E 68 -19.73 -5.95 0.97
CA VAL E 68 -19.96 -4.58 1.40
C VAL E 68 -19.37 -3.57 0.41
N LEU E 69 -18.33 -3.97 -0.32
CA LEU E 69 -17.74 -3.05 -1.28
C LEU E 69 -18.59 -2.99 -2.53
N ILE E 70 -19.36 -4.05 -2.78
CA ILE E 70 -20.27 -4.10 -3.93
C ILE E 70 -21.36 -3.07 -3.64
N VAL E 71 -21.79 -3.03 -2.38
CA VAL E 71 -22.80 -2.08 -1.94
C VAL E 71 -22.25 -0.67 -2.10
N GLU E 72 -20.99 -0.50 -1.71
CA GLU E 72 -20.33 0.80 -1.81
C GLU E 72 -20.31 1.26 -3.26
N GLY E 73 -20.05 0.32 -4.17
CA GLY E 73 -20.00 0.65 -5.59
C GLY E 73 -21.33 1.11 -6.13
N MET E 74 -22.40 0.47 -5.67
CA MET E 74 -23.74 0.83 -6.08
C MET E 74 -24.07 2.21 -5.56
N ALA E 75 -23.66 2.48 -4.32
CA ALA E 75 -23.91 3.77 -3.68
C ALA E 75 -23.21 4.88 -4.45
N GLN E 76 -21.96 4.63 -4.83
CA GLN E 76 -21.20 5.62 -5.58
C GLN E 76 -21.86 5.85 -6.94
N SER E 77 -22.40 4.80 -7.53
CA SER E 77 -23.09 4.93 -8.82
C SER E 77 -24.32 5.81 -8.60
N GLY E 78 -25.01 5.56 -7.49
CA GLY E 78 -26.20 6.35 -7.19
C GLY E 78 -25.82 7.80 -6.98
N GLY E 79 -24.68 8.02 -6.30
CA GLY E 79 -24.22 9.35 -6.01
C GLY E 79 -23.87 10.15 -7.25
N PHE E 80 -23.27 9.48 -8.23
CA PHE E 80 -22.91 10.14 -9.48
C PHE E 80 -24.20 10.59 -10.16
N LEU E 81 -25.19 9.72 -10.10
CA LEU E 81 -26.49 9.99 -10.70
C LEU E 81 -27.12 11.17 -9.98
N ALA E 82 -27.08 11.13 -8.66
CA ALA E 82 -27.66 12.19 -7.86
C ALA E 82 -27.03 13.55 -8.14
N PHE E 83 -25.70 13.59 -8.19
CA PHE E 83 -25.02 14.86 -8.43
C PHE E 83 -25.32 15.46 -9.79
N THR E 84 -25.11 14.68 -10.85
CA THR E 84 -25.35 15.19 -12.19
C THR E 84 -26.81 15.57 -12.42
N SER E 85 -27.72 14.89 -11.72
CA SER E 85 -29.14 15.19 -11.84
C SER E 85 -29.43 16.53 -11.18
N LEU E 86 -28.63 16.86 -10.17
CA LEU E 86 -28.76 18.10 -9.42
C LEU E 86 -28.11 19.31 -10.08
N TRP E 87 -26.83 19.23 -10.39
CA TRP E 87 -26.11 20.35 -11.00
C TRP E 87 -25.58 20.05 -12.38
N GLY E 88 -25.98 18.92 -12.96
CA GLY E 88 -25.46 18.58 -14.26
C GLY E 88 -24.00 18.20 -14.06
N PHE E 89 -23.22 18.22 -15.13
CA PHE E 89 -21.81 17.88 -15.02
C PHE E 89 -21.03 19.14 -14.68
N ASP E 90 -20.79 19.36 -13.39
CA ASP E 90 -20.08 20.55 -12.94
C ASP E 90 -18.99 20.19 -11.93
N PRO E 91 -17.76 20.00 -12.40
CA PRO E 91 -16.63 19.66 -11.53
C PRO E 91 -16.39 20.69 -10.42
N GLU E 92 -16.60 21.96 -10.76
CA GLU E 92 -16.39 23.04 -9.81
C GLU E 92 -17.28 22.94 -8.59
N ILE E 93 -18.55 22.64 -8.81
CA ILE E 93 -19.49 22.50 -7.71
C ILE E 93 -19.21 21.20 -6.97
N ALA E 94 -18.89 20.16 -7.72
CA ALA E 94 -18.64 18.84 -7.16
C ALA E 94 -17.41 18.70 -6.25
N LYS E 95 -16.33 19.41 -6.56
CA LYS E 95 -15.12 19.27 -5.75
C LYS E 95 -15.20 19.59 -4.27
N THR E 96 -16.25 20.25 -3.81
CA THR E 96 -16.34 20.54 -2.38
C THR E 96 -17.45 19.77 -1.70
N LYS E 97 -18.00 18.78 -2.41
CA LYS E 97 -19.08 17.95 -1.87
C LYS E 97 -18.55 16.58 -1.41
N ILE E 98 -19.33 15.92 -0.56
CA ILE E 98 -18.98 14.60 -0.09
C ILE E 98 -20.31 13.88 -0.03
N VAL E 99 -20.28 12.57 0.20
CA VAL E 99 -21.50 11.77 0.26
C VAL E 99 -21.52 10.91 1.52
N TYR E 100 -22.66 10.90 2.21
CA TYR E 100 -22.82 10.11 3.42
C TYR E 100 -23.89 9.06 3.22
N PHE E 101 -23.63 7.88 3.75
CA PHE E 101 -24.58 6.79 3.72
C PHE E 101 -25.56 7.09 4.84
N MET E 102 -26.85 6.95 4.57
CA MET E 102 -27.85 7.19 5.60
C MET E 102 -28.43 5.85 6.03
N THR E 103 -28.81 5.02 5.07
CA THR E 103 -29.37 3.69 5.37
C THR E 103 -29.06 2.70 4.27
N ILE E 104 -29.19 1.42 4.60
CA ILE E 104 -28.98 0.32 3.66
C ILE E 104 -30.03 -0.72 4.04
N ASP E 105 -30.76 -1.22 3.05
CA ASP E 105 -31.79 -2.22 3.32
C ASP E 105 -31.90 -3.27 2.21
N LYS E 106 -32.58 -4.38 2.52
CA LYS E 106 -32.79 -5.44 1.56
C LYS E 106 -31.58 -5.84 0.72
N VAL E 107 -30.43 -6.00 1.36
CA VAL E 107 -29.24 -6.41 0.62
C VAL E 107 -29.20 -7.93 0.61
N LYS E 108 -28.95 -8.50 -0.55
CA LYS E 108 -28.88 -9.95 -0.69
C LYS E 108 -27.76 -10.25 -1.67
N PHE E 109 -26.83 -11.10 -1.27
CA PHE E 109 -25.72 -11.47 -2.14
C PHE E 109 -26.04 -12.89 -2.63
N ARG E 110 -25.99 -13.10 -3.93
CA ARG E 110 -26.34 -14.42 -4.47
C ARG E 110 -25.16 -15.18 -5.07
N ILE E 111 -24.23 -14.46 -5.67
CA ILE E 111 -23.06 -15.06 -6.32
C ILE E 111 -21.80 -14.28 -5.97
N PRO E 112 -20.72 -14.99 -5.61
CA PRO E 112 -19.44 -14.34 -5.25
C PRO E 112 -18.83 -13.65 -6.45
N VAL E 113 -18.25 -12.49 -6.22
CA VAL E 113 -17.58 -11.74 -7.29
C VAL E 113 -16.09 -12.03 -7.14
N THR E 114 -15.43 -12.38 -8.24
CA THR E 114 -14.01 -12.71 -8.20
C THR E 114 -13.20 -11.99 -9.27
N PRO E 115 -11.87 -11.99 -9.15
CA PRO E 115 -11.01 -11.33 -10.14
C PRO E 115 -11.38 -11.82 -11.54
N GLY E 116 -11.50 -10.89 -12.48
CA GLY E 116 -11.87 -11.25 -13.83
C GLY E 116 -13.31 -10.88 -14.14
N ASP E 117 -14.09 -10.62 -13.09
CA ASP E 117 -15.48 -10.23 -13.25
C ASP E 117 -15.65 -8.75 -13.57
N ARG E 118 -16.66 -8.45 -14.39
CA ARG E 118 -17.00 -7.09 -14.74
C ARG E 118 -18.26 -6.87 -13.90
N LEU E 119 -18.12 -6.13 -12.80
CA LEU E 119 -19.23 -5.88 -11.88
C LEU E 119 -20.08 -4.70 -12.32
N GLU E 120 -21.22 -5.00 -12.93
CA GLU E 120 -22.11 -3.97 -13.46
C GLU E 120 -23.16 -3.52 -12.45
N TYR E 121 -23.20 -2.22 -12.19
CA TYR E 121 -24.16 -1.66 -11.25
C TYR E 121 -25.37 -1.09 -11.99
N HIS E 122 -26.56 -1.51 -11.57
CA HIS E 122 -27.80 -1.02 -12.14
C HIS E 122 -28.58 -0.42 -10.99
N LEU E 123 -28.79 0.89 -11.05
CA LEU E 123 -29.53 1.55 -10.00
C LEU E 123 -30.61 2.45 -10.53
N GLU E 124 -31.76 2.38 -9.88
CA GLU E 124 -32.91 3.21 -10.23
C GLU E 124 -33.27 4.04 -9.00
N VAL E 125 -33.69 5.27 -9.24
CA VAL E 125 -34.09 6.17 -8.17
C VAL E 125 -35.45 5.76 -7.66
N LEU E 126 -35.55 5.47 -6.37
CA LEU E 126 -36.83 5.09 -5.78
C LEU E 126 -37.54 6.31 -5.21
N LYS E 127 -36.74 7.31 -4.85
CA LYS E 127 -37.24 8.55 -4.28
C LYS E 127 -36.08 9.46 -3.89
N HIS E 128 -36.22 10.74 -4.21
CA HIS E 128 -35.19 11.70 -3.87
C HIS E 128 -35.88 13.01 -3.49
N LYS E 129 -35.25 13.75 -2.58
CA LYS E 129 -35.75 15.02 -2.09
C LYS E 129 -34.55 15.88 -1.74
N GLY E 130 -34.27 16.87 -2.57
CA GLY E 130 -33.13 17.72 -2.32
C GLY E 130 -31.85 16.90 -2.38
N MET E 131 -31.09 16.93 -1.29
CA MET E 131 -29.82 16.21 -1.19
C MET E 131 -29.95 14.73 -0.83
N ILE E 132 -31.15 14.30 -0.41
CA ILE E 132 -31.32 12.91 -0.02
C ILE E 132 -31.86 12.01 -1.13
N TRP E 133 -30.99 11.14 -1.61
CA TRP E 133 -31.35 10.21 -2.67
C TRP E 133 -31.45 8.78 -2.19
N GLN E 134 -32.56 8.14 -2.52
CA GLN E 134 -32.78 6.75 -2.16
C GLN E 134 -32.84 5.95 -3.45
N VAL E 135 -31.81 5.15 -3.69
CA VAL E 135 -31.74 4.34 -4.89
C VAL E 135 -31.81 2.86 -4.53
N GLY E 136 -32.00 2.03 -5.54
CA GLY E 136 -32.09 0.60 -5.31
C GLY E 136 -31.84 -0.12 -6.61
N GLY E 137 -31.28 -1.32 -6.54
CA GLY E 137 -31.03 -2.06 -7.75
C GLY E 137 -30.22 -3.32 -7.54
N THR E 138 -29.43 -3.64 -8.56
CA THR E 138 -28.60 -4.84 -8.53
C THR E 138 -27.20 -4.61 -9.08
N ALA E 139 -26.36 -5.61 -8.84
CA ALA E 139 -25.00 -5.62 -9.35
C ALA E 139 -25.02 -6.91 -10.15
N GLN E 140 -24.52 -6.86 -11.38
CA GLN E 140 -24.54 -8.04 -12.23
C GLN E 140 -23.18 -8.40 -12.81
N VAL E 141 -23.02 -9.68 -13.15
CA VAL E 141 -21.79 -10.17 -13.77
C VAL E 141 -22.25 -11.09 -14.89
N ASP E 142 -21.91 -10.72 -16.12
CA ASP E 142 -22.31 -11.49 -17.28
C ASP E 142 -23.83 -11.70 -17.28
N GLY E 143 -24.55 -10.61 -17.10
CA GLY E 143 -26.01 -10.66 -17.10
C GLY E 143 -26.72 -11.28 -15.92
N LYS E 144 -26.00 -11.95 -15.01
CA LYS E 144 -26.65 -12.56 -13.86
C LYS E 144 -26.59 -11.68 -12.62
N VAL E 145 -27.68 -11.64 -11.86
CA VAL E 145 -27.73 -10.83 -10.65
C VAL E 145 -26.84 -11.46 -9.60
N VAL E 146 -25.86 -10.70 -9.15
CA VAL E 146 -24.91 -11.18 -8.18
C VAL E 146 -25.25 -10.62 -6.80
N ALA E 147 -25.96 -9.51 -6.80
CA ALA E 147 -26.36 -8.86 -5.56
C ALA E 147 -27.50 -7.89 -5.81
N GLU E 148 -28.26 -7.62 -4.75
CA GLU E 148 -29.35 -6.68 -4.84
C GLU E 148 -29.29 -5.82 -3.57
N ALA E 149 -29.61 -4.54 -3.72
CA ALA E 149 -29.56 -3.65 -2.58
C ALA E 149 -30.43 -2.40 -2.74
N GLU E 150 -30.69 -1.78 -1.60
CA GLU E 150 -31.48 -0.58 -1.54
C GLU E 150 -30.74 0.31 -0.55
N LEU E 151 -30.54 1.58 -0.90
CA LEU E 151 -29.84 2.49 -0.03
C LEU E 151 -30.24 3.94 -0.19
N LYS E 152 -30.01 4.71 0.86
CA LYS E 152 -30.31 6.13 0.88
C LYS E 152 -29.03 6.85 1.26
N ALA E 153 -28.62 7.81 0.42
CA ALA E 153 -27.39 8.56 0.69
C ALA E 153 -27.68 10.04 0.60
N MET E 154 -26.85 10.83 1.27
CA MET E 154 -27.03 12.27 1.30
C MET E 154 -25.79 12.99 0.79
N ILE E 155 -25.99 13.89 -0.16
CA ILE E 155 -24.89 14.67 -0.69
C ILE E 155 -24.78 15.87 0.25
N ALA E 156 -23.57 16.18 0.69
CA ALA E 156 -23.37 17.28 1.62
C ALA E 156 -22.14 18.11 1.29
N GLU E 157 -22.30 19.43 1.40
CA GLU E 157 -21.21 20.37 1.15
C GLU E 157 -20.13 20.17 2.21
N ARG E 158 -18.88 20.04 1.77
CA ARG E 158 -17.77 19.87 2.70
C ARG E 158 -17.75 21.04 3.67
N GLU E 159 -17.89 20.75 4.96
CA GLU E 159 -17.84 21.81 5.95
C GLU E 159 -16.55 21.72 6.73
N SER F 10 -12.62 -13.24 29.68
CA SER F 10 -13.39 -13.35 28.40
C SER F 10 -12.81 -12.40 27.36
N GLN F 11 -11.51 -12.16 27.44
CA GLN F 11 -10.85 -11.23 26.52
C GLN F 11 -10.05 -11.98 25.44
N PHE F 12 -10.36 -11.73 24.17
CA PHE F 12 -9.63 -12.35 23.08
C PHE F 12 -8.87 -11.22 22.38
N PHE F 13 -7.56 -11.38 22.23
CA PHE F 13 -6.77 -10.34 21.59
C PHE F 13 -6.53 -10.61 20.12
N ILE F 14 -5.88 -9.67 19.44
CA ILE F 14 -5.64 -9.81 18.02
C ILE F 14 -5.06 -11.16 17.58
N GLU F 15 -4.12 -11.70 18.33
CA GLU F 15 -3.56 -12.99 17.93
C GLU F 15 -4.60 -14.12 18.06
N HIS F 16 -5.62 -13.89 18.89
CA HIS F 16 -6.68 -14.87 19.07
C HIS F 16 -7.64 -14.73 17.91
N ILE F 17 -8.00 -13.49 17.59
CA ILE F 17 -8.90 -13.21 16.49
C ILE F 17 -8.32 -13.78 15.20
N LEU F 18 -7.00 -13.64 15.03
CA LEU F 18 -6.30 -14.14 13.85
C LEU F 18 -6.43 -15.66 13.66
N GLN F 19 -6.53 -16.39 14.76
CA GLN F 19 -6.65 -17.84 14.70
C GLN F 19 -8.07 -18.29 14.36
N ILE F 20 -9.05 -17.39 14.47
CA ILE F 20 -10.43 -17.77 14.18
C ILE F 20 -10.96 -17.24 12.86
N LEU F 21 -10.80 -15.94 12.64
CA LEU F 21 -11.30 -15.34 11.40
C LEU F 21 -10.28 -15.46 10.28
N PRO F 22 -10.75 -15.72 9.06
CA PRO F 22 -9.87 -15.86 7.89
C PRO F 22 -9.42 -14.50 7.37
N HIS F 23 -10.19 -13.45 7.67
CA HIS F 23 -9.86 -12.11 7.21
C HIS F 23 -8.46 -11.66 7.59
N ARG F 24 -7.84 -10.91 6.68
CA ARG F 24 -6.50 -10.38 6.92
C ARG F 24 -6.43 -8.96 6.38
N TYR F 25 -5.28 -8.33 6.53
CA TYR F 25 -5.07 -6.96 6.07
C TYR F 25 -5.32 -6.86 4.55
N PRO F 26 -6.02 -5.81 4.12
CA PRO F 26 -6.58 -4.74 4.94
C PRO F 26 -8.08 -4.89 5.17
N MET F 27 -8.51 -6.12 5.40
CA MET F 27 -9.93 -6.41 5.63
C MET F 27 -10.24 -7.08 6.95
N LEU F 28 -9.30 -7.08 7.89
CA LEU F 28 -9.53 -7.65 9.21
C LEU F 28 -9.87 -6.41 10.05
N LEU F 29 -11.17 -6.21 10.29
CA LEU F 29 -11.60 -5.02 10.99
C LEU F 29 -12.09 -5.13 12.44
N VAL F 30 -11.50 -6.06 13.20
CA VAL F 30 -11.82 -6.22 14.60
C VAL F 30 -10.49 -6.38 15.33
N ASP F 31 -10.22 -5.50 16.29
CA ASP F 31 -8.96 -5.56 17.02
C ASP F 31 -8.99 -6.33 18.34
N ARG F 32 -10.14 -6.36 18.99
CA ARG F 32 -10.23 -7.05 20.27
C ARG F 32 -11.67 -7.44 20.64
N ILE F 33 -11.82 -8.57 21.32
CA ILE F 33 -13.13 -9.06 21.76
C ILE F 33 -13.19 -8.82 23.26
N THR F 34 -14.15 -8.03 23.72
CA THR F 34 -14.27 -7.74 25.15
C THR F 34 -15.25 -8.65 25.90
N GLU F 35 -16.31 -9.12 25.23
CA GLU F 35 -17.31 -10.01 25.83
C GLU F 35 -17.77 -11.06 24.83
N LEU F 36 -18.04 -12.26 25.32
CA LEU F 36 -18.50 -13.35 24.46
C LEU F 36 -19.40 -14.31 25.22
N GLN F 37 -20.59 -14.56 24.69
CA GLN F 37 -21.53 -15.50 25.31
C GLN F 37 -22.14 -16.28 24.17
N ALA F 38 -21.72 -17.54 24.05
CA ALA F 38 -22.18 -18.45 23.01
C ALA F 38 -23.69 -18.41 22.75
N ASN F 39 -24.04 -18.38 21.47
CA ASN F 39 -25.45 -18.34 21.05
C ASN F 39 -26.24 -17.16 21.60
N GLN F 40 -25.55 -16.17 22.14
CA GLN F 40 -26.24 -15.03 22.69
C GLN F 40 -25.80 -13.69 22.12
N LYS F 41 -24.62 -13.23 22.52
CA LYS F 41 -24.13 -11.95 22.05
C LYS F 41 -22.62 -11.81 22.08
N ILE F 42 -22.14 -10.69 21.54
CA ILE F 42 -20.71 -10.42 21.51
C ILE F 42 -20.46 -8.93 21.46
N VAL F 43 -19.48 -8.49 22.23
CA VAL F 43 -19.08 -7.09 22.25
C VAL F 43 -17.61 -7.07 21.85
N ALA F 44 -17.28 -6.25 20.87
CA ALA F 44 -15.89 -6.15 20.41
C ALA F 44 -15.64 -4.75 19.89
N TYR F 45 -14.42 -4.48 19.48
CA TYR F 45 -14.13 -3.15 18.96
C TYR F 45 -12.93 -3.12 18.04
N LYS F 46 -12.86 -2.04 17.28
CA LYS F 46 -11.77 -1.79 16.36
C LYS F 46 -11.36 -0.35 16.58
N ASN F 47 -10.06 -0.11 16.67
CA ASN F 47 -9.57 1.25 16.83
C ASN F 47 -9.53 1.89 15.44
N ILE F 48 -9.87 3.18 15.39
CA ILE F 48 -9.87 3.93 14.15
C ILE F 48 -8.78 4.99 14.27
N THR F 49 -7.80 4.91 13.37
CA THR F 49 -6.66 5.82 13.36
C THR F 49 -6.46 6.41 11.97
N PHE F 50 -5.86 7.59 11.90
CA PHE F 50 -5.63 8.19 10.60
C PHE F 50 -4.69 7.33 9.75
N ASN F 51 -3.81 6.58 10.42
CA ASN F 51 -2.83 5.73 9.75
C ASN F 51 -3.41 4.47 9.08
N GLU F 52 -4.55 4.62 8.41
CA GLU F 52 -5.20 3.51 7.71
C GLU F 52 -5.37 3.92 6.25
N ASP F 53 -4.91 3.06 5.35
CA ASP F 53 -4.97 3.34 3.92
C ASP F 53 -6.32 3.81 3.41
N VAL F 54 -7.40 3.21 3.90
CA VAL F 54 -8.73 3.58 3.48
C VAL F 54 -8.97 5.10 3.51
N PHE F 55 -8.36 5.79 4.48
CA PHE F 55 -8.55 7.22 4.59
C PHE F 55 -7.95 8.08 3.48
N ASN F 56 -7.02 7.53 2.72
CA ASN F 56 -6.45 8.29 1.61
C ASN F 56 -7.55 8.64 0.62
N GLY F 57 -8.58 7.79 0.54
CA GLY F 57 -9.66 8.06 -0.39
C GLY F 57 -11.06 8.23 0.17
N HIS F 58 -11.21 8.32 1.49
CA HIS F 58 -12.55 8.46 2.05
C HIS F 58 -12.59 9.32 3.33
N PHE F 59 -12.46 10.63 3.18
CA PHE F 59 -12.24 11.29 1.90
C PHE F 59 -11.00 12.15 2.03
N PRO F 60 -10.43 12.60 0.90
CA PRO F 60 -9.24 13.44 0.96
C PRO F 60 -9.55 14.70 1.80
N ASN F 61 -8.70 14.99 2.79
CA ASN F 61 -8.92 16.16 3.64
C ASN F 61 -10.12 16.06 4.58
N LYS F 62 -10.81 14.92 4.56
CA LYS F 62 -11.98 14.71 5.41
C LYS F 62 -12.13 13.21 5.69
N PRO F 63 -11.37 12.68 6.66
CA PRO F 63 -11.42 11.26 7.00
C PRO F 63 -12.69 10.77 7.69
N ILE F 64 -13.44 9.93 6.97
CA ILE F 64 -14.68 9.36 7.46
C ILE F 64 -14.56 7.84 7.28
N PHE F 65 -14.64 7.09 8.37
CA PHE F 65 -14.54 5.63 8.26
C PHE F 65 -15.77 5.14 7.52
N PRO F 66 -15.57 4.49 6.36
CA PRO F 66 -16.67 3.98 5.53
C PRO F 66 -17.79 3.23 6.28
N GLY F 67 -19.02 3.70 6.08
CA GLY F 67 -20.16 3.06 6.72
C GLY F 67 -20.21 1.57 6.41
N VAL F 68 -19.86 1.20 5.18
CA VAL F 68 -19.90 -0.20 4.81
C VAL F 68 -18.85 -1.03 5.58
N LEU F 69 -17.76 -0.39 5.97
CA LEU F 69 -16.71 -1.06 6.73
C LEU F 69 -17.10 -1.20 8.20
N ILE F 70 -18.02 -0.36 8.65
CA ILE F 70 -18.53 -0.44 10.01
C ILE F 70 -19.37 -1.72 10.01
N VAL F 71 -20.19 -1.89 8.98
CA VAL F 71 -21.02 -3.07 8.87
C VAL F 71 -20.14 -4.33 8.74
N GLU F 72 -19.06 -4.23 7.98
CA GLU F 72 -18.16 -5.36 7.81
C GLU F 72 -17.60 -5.76 9.18
N GLY F 73 -17.20 -4.76 9.96
CA GLY F 73 -16.69 -5.02 11.28
C GLY F 73 -17.72 -5.70 12.16
N MET F 74 -18.98 -5.35 11.97
CA MET F 74 -20.06 -5.95 12.76
C MET F 74 -20.25 -7.40 12.31
N ALA F 75 -20.16 -7.63 11.01
CA ALA F 75 -20.30 -8.96 10.45
C ALA F 75 -19.18 -9.86 10.97
N GLN F 76 -17.95 -9.34 10.95
CA GLN F 76 -16.82 -10.10 11.44
C GLN F 76 -16.98 -10.41 12.92
N SER F 77 -17.47 -9.44 13.70
CA SER F 77 -17.68 -9.68 15.11
C SER F 77 -18.69 -10.83 15.23
N GLY F 78 -19.77 -10.73 14.47
CA GLY F 78 -20.79 -11.77 14.49
C GLY F 78 -20.20 -13.09 14.01
N GLY F 79 -19.23 -13.01 13.11
CA GLY F 79 -18.60 -14.22 12.62
C GLY F 79 -17.82 -14.92 13.72
N PHE F 80 -17.07 -14.16 14.51
CA PHE F 80 -16.28 -14.72 15.60
C PHE F 80 -17.25 -15.41 16.56
N LEU F 81 -18.36 -14.75 16.84
CA LEU F 81 -19.39 -15.29 17.71
C LEU F 81 -19.89 -16.62 17.13
N ALA F 82 -20.16 -16.64 15.83
CA ALA F 82 -20.65 -17.86 15.18
C ALA F 82 -19.63 -19.01 15.21
N PHE F 83 -18.37 -18.70 14.86
CA PHE F 83 -17.33 -19.73 14.86
C PHE F 83 -17.21 -20.38 16.22
N THR F 84 -17.03 -19.57 17.25
CA THR F 84 -16.84 -20.09 18.59
C THR F 84 -18.09 -20.78 19.15
N SER F 85 -19.27 -20.29 18.79
CA SER F 85 -20.49 -20.90 19.27
C SER F 85 -20.63 -22.31 18.66
N LEU F 86 -20.13 -22.47 17.45
CA LEU F 86 -20.21 -23.76 16.76
C LEU F 86 -19.15 -24.75 17.19
N TRP F 87 -17.90 -24.35 17.15
CA TRP F 87 -16.81 -25.25 17.49
C TRP F 87 -15.94 -24.86 18.67
N GLY F 88 -16.31 -23.81 19.39
CA GLY F 88 -15.48 -23.37 20.50
C GLY F 88 -14.26 -22.71 19.91
N PHE F 89 -13.26 -22.38 20.71
CA PHE F 89 -12.05 -21.75 20.19
C PHE F 89 -11.17 -22.83 19.60
N ASP F 90 -11.41 -23.14 18.34
CA ASP F 90 -10.67 -24.20 17.65
C ASP F 90 -9.96 -23.72 16.40
N PRO F 91 -8.68 -23.33 16.51
CA PRO F 91 -7.89 -22.85 15.37
C PRO F 91 -7.80 -23.85 14.22
N GLU F 92 -7.79 -25.14 14.53
CA GLU F 92 -7.69 -26.14 13.48
C GLU F 92 -8.87 -26.13 12.52
N ILE F 93 -10.07 -26.13 13.07
CA ILE F 93 -11.28 -26.11 12.25
C ILE F 93 -11.39 -24.78 11.49
N ALA F 94 -11.13 -23.68 12.20
CA ALA F 94 -11.21 -22.36 11.60
C ALA F 94 -10.39 -22.21 10.31
N LYS F 95 -9.14 -22.66 10.32
CA LYS F 95 -8.27 -22.52 9.16
C LYS F 95 -8.78 -23.08 7.84
N THR F 96 -9.86 -23.86 7.89
CA THR F 96 -10.40 -24.42 6.65
C THR F 96 -11.65 -23.67 6.18
N LYS F 97 -12.11 -22.74 7.02
CA LYS F 97 -13.32 -21.99 6.70
C LYS F 97 -13.10 -20.56 6.25
N ILE F 98 -14.15 -20.02 5.63
CA ILE F 98 -14.21 -18.63 5.18
C ILE F 98 -15.64 -18.23 5.50
N VAL F 99 -16.00 -16.98 5.25
CA VAL F 99 -17.34 -16.54 5.56
C VAL F 99 -17.90 -15.68 4.44
N TYR F 100 -19.17 -15.91 4.11
CA TYR F 100 -19.81 -15.15 3.06
C TYR F 100 -20.96 -14.33 3.62
N PHE F 101 -21.12 -13.13 3.08
CA PHE F 101 -22.21 -12.26 3.47
C PHE F 101 -23.41 -12.78 2.69
N MET F 102 -24.55 -12.96 3.35
CA MET F 102 -25.75 -13.43 2.66
C MET F 102 -26.78 -12.30 2.50
N THR F 103 -27.04 -11.58 3.60
CA THR F 103 -27.99 -10.47 3.58
C THR F 103 -27.61 -9.39 4.57
N ILE F 104 -28.08 -8.18 4.31
CA ILE F 104 -27.84 -7.03 5.16
C ILE F 104 -29.16 -6.27 5.16
N ASP F 105 -29.59 -5.79 6.32
CA ASP F 105 -30.85 -5.05 6.36
C ASP F 105 -30.98 -4.15 7.58
N LYS F 106 -31.89 -3.19 7.46
CA LYS F 106 -32.17 -2.26 8.54
C LYS F 106 -30.92 -1.56 9.10
N VAL F 107 -30.06 -1.09 8.21
CA VAL F 107 -28.88 -0.39 8.69
C VAL F 107 -29.11 1.11 8.58
N LYS F 108 -28.72 1.82 9.63
CA LYS F 108 -28.86 3.25 9.67
C LYS F 108 -27.60 3.77 10.31
N PHE F 109 -27.05 4.84 9.73
CA PHE F 109 -25.85 5.46 10.27
C PHE F 109 -26.30 6.77 10.89
N ARG F 110 -25.93 7.00 12.14
CA ARG F 110 -26.35 8.21 12.82
C ARG F 110 -25.23 9.22 13.02
N ILE F 111 -24.04 8.73 13.33
CA ILE F 111 -22.90 9.60 13.56
C ILE F 111 -21.67 9.10 12.81
N PRO F 112 -20.96 10.01 12.13
CA PRO F 112 -19.75 9.60 11.39
C PRO F 112 -18.64 9.14 12.34
N VAL F 113 -17.94 8.08 11.94
CA VAL F 113 -16.84 7.54 12.73
C VAL F 113 -15.57 8.09 12.13
N THR F 114 -14.67 8.57 12.97
CA THR F 114 -13.43 9.19 12.49
C THR F 114 -12.18 8.76 13.26
N PRO F 115 -10.99 9.12 12.75
CA PRO F 115 -9.73 8.76 13.41
C PRO F 115 -9.76 9.22 14.87
N GLY F 116 -9.39 8.32 15.78
CA GLY F 116 -9.40 8.64 17.19
C GLY F 116 -10.56 7.94 17.88
N ASP F 117 -11.53 7.47 17.12
CA ASP F 117 -12.67 6.78 17.69
C ASP F 117 -12.39 5.31 17.97
N ARG F 118 -13.03 4.82 19.04
CA ARG F 118 -12.95 3.43 19.45
C ARG F 118 -14.31 2.92 18.99
N LEU F 119 -14.31 2.21 17.86
CA LEU F 119 -15.55 1.67 17.29
C LEU F 119 -15.90 0.33 17.92
N GLU F 120 -16.91 0.34 18.79
CA GLU F 120 -17.34 -0.86 19.50
C GLU F 120 -18.55 -1.55 18.88
N TYR F 121 -18.42 -2.85 18.62
CA TYR F 121 -19.51 -3.63 18.03
C TYR F 121 -20.32 -4.40 19.07
N HIS F 122 -21.64 -4.28 18.98
CA HIS F 122 -22.56 -4.96 19.88
C HIS F 122 -23.48 -5.81 19.01
N LEU F 123 -23.26 -7.12 19.01
CA LEU F 123 -24.09 -8.01 18.22
C LEU F 123 -24.72 -9.10 19.08
N GLU F 124 -25.97 -9.43 18.76
CA GLU F 124 -26.67 -10.49 19.47
C GLU F 124 -27.19 -11.45 18.40
N VAL F 125 -27.35 -12.72 18.77
CA VAL F 125 -27.84 -13.73 17.84
C VAL F 125 -29.34 -13.58 17.66
N LEU F 126 -29.80 -13.48 16.42
CA LEU F 126 -31.23 -13.36 16.16
C LEU F 126 -31.78 -14.74 15.85
N LYS F 127 -31.04 -15.48 15.03
CA LYS F 127 -31.43 -16.83 14.62
C LYS F 127 -30.22 -17.49 13.98
N HIS F 128 -30.15 -18.81 14.06
CA HIS F 128 -29.05 -19.52 13.46
C HIS F 128 -29.40 -20.99 13.27
N LYS F 129 -28.70 -21.62 12.33
CA LYS F 129 -28.89 -23.04 12.06
C LYS F 129 -27.79 -23.45 11.11
N GLY F 130 -27.06 -24.48 11.48
CA GLY F 130 -25.98 -24.95 10.63
C GLY F 130 -24.92 -23.88 10.52
N MET F 131 -24.51 -23.58 9.29
CA MET F 131 -23.49 -22.56 9.05
C MET F 131 -24.10 -21.18 8.82
N ILE F 132 -25.42 -21.09 8.86
CA ILE F 132 -26.12 -19.83 8.59
C ILE F 132 -26.49 -19.02 9.84
N TRP F 133 -25.84 -17.87 10.01
CA TRP F 133 -26.08 -17.03 11.18
C TRP F 133 -26.63 -15.63 10.90
N GLN F 134 -27.72 -15.30 11.59
CA GLN F 134 -28.36 -14.00 11.45
C GLN F 134 -28.20 -13.25 12.77
N VAL F 135 -27.42 -12.18 12.75
CA VAL F 135 -27.20 -11.38 13.95
C VAL F 135 -27.62 -9.92 13.69
N GLY F 136 -27.70 -9.15 14.78
CA GLY F 136 -28.09 -7.76 14.65
C GLY F 136 -27.66 -7.01 15.89
N GLY F 137 -27.49 -5.71 15.75
CA GLY F 137 -27.08 -4.91 16.88
C GLY F 137 -26.68 -3.51 16.49
N THR F 138 -25.68 -2.99 17.17
CA THR F 138 -25.22 -1.63 16.91
C THR F 138 -23.70 -1.52 16.96
N ALA F 139 -23.22 -0.35 16.54
CA ALA F 139 -21.81 -0.01 16.58
C ALA F 139 -21.83 1.26 17.43
N GLN F 140 -20.92 1.35 18.39
CA GLN F 140 -20.92 2.50 19.28
C GLN F 140 -19.57 3.17 19.50
N VAL F 141 -19.63 4.47 19.74
CA VAL F 141 -18.45 5.27 20.03
C VAL F 141 -18.77 6.05 21.30
N ASP F 142 -17.97 5.82 22.33
CA ASP F 142 -18.14 6.46 23.63
C ASP F 142 -19.57 6.38 24.15
N GLY F 143 -20.16 5.19 24.08
CA GLY F 143 -21.52 5.00 24.57
C GLY F 143 -22.69 5.44 23.72
N LYS F 144 -22.44 6.02 22.55
CA LYS F 144 -23.52 6.46 21.68
C LYS F 144 -23.63 5.57 20.45
N VAL F 145 -24.87 5.27 20.04
CA VAL F 145 -25.10 4.45 18.88
C VAL F 145 -24.68 5.23 17.66
N VAL F 146 -23.75 4.68 16.92
CA VAL F 146 -23.24 5.32 15.74
C VAL F 146 -23.84 4.67 14.50
N ALA F 147 -24.31 3.44 14.66
CA ALA F 147 -24.92 2.71 13.56
C ALA F 147 -25.69 1.50 14.04
N GLU F 148 -26.69 1.11 13.27
CA GLU F 148 -27.52 -0.06 13.56
C GLU F 148 -27.43 -0.97 12.34
N ALA F 149 -27.60 -2.26 12.56
CA ALA F 149 -27.54 -3.20 11.45
C ALA F 149 -27.96 -4.61 11.82
N GLU F 150 -28.45 -5.31 10.81
CA GLU F 150 -28.84 -6.70 10.92
C GLU F 150 -28.17 -7.34 9.73
N LEU F 151 -27.72 -8.57 9.90
CA LEU F 151 -27.04 -9.24 8.80
C LEU F 151 -27.04 -10.75 9.00
N LYS F 152 -26.96 -11.46 7.89
CA LYS F 152 -26.93 -12.91 7.90
C LYS F 152 -25.73 -13.33 7.07
N ALA F 153 -24.89 -14.19 7.64
CA ALA F 153 -23.70 -14.67 6.95
C ALA F 153 -23.62 -16.18 7.01
N MET F 154 -22.81 -16.75 6.13
CA MET F 154 -22.66 -18.20 6.07
C MET F 154 -21.19 -18.60 6.20
N ILE F 155 -20.93 -19.59 7.04
CA ILE F 155 -19.57 -20.08 7.23
C ILE F 155 -19.42 -21.22 6.24
N ALA F 156 -18.26 -21.33 5.61
CA ALA F 156 -18.04 -22.37 4.61
C ALA F 156 -16.59 -22.87 4.55
N GLU F 157 -16.43 -24.02 3.91
CA GLU F 157 -15.12 -24.65 3.71
C GLU F 157 -14.44 -23.92 2.55
N ARG F 158 -13.17 -23.55 2.72
CA ARG F 158 -12.43 -22.85 1.66
C ARG F 158 -12.53 -23.63 0.36
#